data_5O4N
#
_entry.id   5O4N
#
_cell.length_a   72.556
_cell.length_b   80.997
_cell.length_c   97.808
_cell.angle_alpha   90.00
_cell.angle_beta   108.24
_cell.angle_gamma   90.00
#
_symmetry.space_group_name_H-M   'P 1 21 1'
#
loop_
_entity.id
_entity.type
_entity.pdbx_description
1 polymer HcgC
2 non-polymer S-ADENOSYL-L-HOMOCYSTEINE
3 non-polymer '6-carboxy methyl-4-hydroxy-2-pyridinol'
4 non-polymer (4S)-2-METHYL-2,4-PENTANEDIOL
5 non-polymer 'DIMETHYL SULFOXIDE'
6 water water
#
_entity_poly.entity_id   1
_entity_poly.type   'polypeptide(L)'
_entity_poly.pdbx_seq_one_letter_code
;MNYGITESVKTTRSKIKIKDIVSDVVEKKANAIKYFLEGEEFKQAIVFGAYLSGSYIAYSLLKDCEEVIIVDIQPHLKDI
LFNDGIKFMDLNKLQLELRNGTSINPDLVIDLTGIGGVSPDLISKFNPKVLIVEDPKGNHDKGISKIDNTDKRLCVGAKK
GVLKTYRSSKFSKTSGTMTLVVDIIMDSCREINELDSVLYTIPNLKYFEGTVFHEKNVKKFLTELNMSAITVSSIDHVEY
ELEEILSKNISRVDSFVKEFDKLAAALEHHHHHH
;
_entity_poly.pdbx_strand_id   A,B,C,D
#
# COMPACT_ATOMS: atom_id res chain seq x y z
N MET A 1 2.19 3.85 29.84
CA MET A 1 1.89 4.92 28.88
C MET A 1 2.05 6.34 29.47
N ASN A 2 2.44 7.32 28.61
CA ASN A 2 2.60 8.72 29.01
C ASN A 2 1.96 9.65 27.95
N TYR A 3 2.22 10.94 28.07
CA TYR A 3 1.71 11.96 27.19
C TYR A 3 2.87 12.39 26.30
N GLY A 4 2.57 13.15 25.24
CA GLY A 4 3.57 13.63 24.31
C GLY A 4 3.96 15.06 24.63
N ILE A 5 3.74 15.98 23.71
CA ILE A 5 4.08 17.41 23.89
C ILE A 5 3.20 18.09 24.94
N THR A 6 1.93 17.68 25.00
CA THR A 6 0.95 18.19 25.95
C THR A 6 0.14 16.98 26.38
N GLU A 7 -0.78 17.20 27.31
CA GLU A 7 -1.66 16.16 27.83
C GLU A 7 -2.78 15.79 26.83
N SER A 8 -2.92 16.53 25.71
CA SER A 8 -3.95 16.24 24.70
C SER A 8 -3.52 15.08 23.79
N VAL A 9 -2.22 14.71 23.80
CA VAL A 9 -1.67 13.64 22.97
C VAL A 9 -1.03 12.57 23.80
N LYS A 10 -1.32 11.30 23.49
CA LYS A 10 -0.79 10.14 24.18
C LYS A 10 0.35 9.49 23.43
N THR A 11 1.34 8.95 24.18
CA THR A 11 2.48 8.25 23.62
C THR A 11 2.35 6.83 24.11
N THR A 12 2.29 5.85 23.21
CA THR A 12 2.16 4.43 23.56
C THR A 12 3.28 3.63 22.95
N ARG A 13 3.99 2.86 23.77
CA ARG A 13 5.08 2.01 23.31
C ARG A 13 4.54 0.60 23.33
N SER A 14 4.75 -0.19 22.28
CA SER A 14 4.20 -1.56 22.31
C SER A 14 4.85 -2.45 23.38
N LYS A 15 4.04 -3.34 23.94
CA LYS A 15 4.50 -4.28 24.95
C LYS A 15 5.37 -5.29 24.22
N ILE A 16 5.03 -5.58 22.96
CA ILE A 16 5.78 -6.51 22.11
C ILE A 16 7.10 -5.77 21.79
N LYS A 17 8.21 -6.45 22.04
CA LYS A 17 9.53 -5.94 21.80
C LYS A 17 10.11 -6.60 20.56
N ILE A 18 11.15 -6.01 20.03
CA ILE A 18 11.84 -6.53 18.82
C ILE A 18 12.31 -7.97 19.09
N LYS A 19 12.92 -8.23 20.28
CA LYS A 19 13.41 -9.56 20.65
C LYS A 19 12.27 -10.61 20.62
N ASP A 20 11.02 -10.20 20.99
CA ASP A 20 9.87 -11.10 20.96
C ASP A 20 9.53 -11.51 19.52
N ILE A 21 9.69 -10.57 18.55
CA ILE A 21 9.41 -10.86 17.15
C ILE A 21 10.53 -11.80 16.65
N VAL A 22 11.78 -11.48 17.00
CA VAL A 22 12.94 -12.31 16.60
C VAL A 22 12.74 -13.73 17.14
N SER A 23 12.39 -13.87 18.43
CA SER A 23 12.18 -15.17 19.05
C SER A 23 11.12 -16.01 18.34
N ASP A 24 10.00 -15.37 17.99
CA ASP A 24 8.90 -16.07 17.30
C ASP A 24 9.35 -16.60 15.93
N VAL A 25 10.06 -15.77 15.17
CA VAL A 25 10.56 -16.20 13.84
C VAL A 25 11.58 -17.35 13.97
N VAL A 26 12.58 -17.24 14.89
CA VAL A 26 13.59 -18.30 15.06
C VAL A 26 12.95 -19.59 15.55
N GLU A 27 11.94 -19.49 16.45
CA GLU A 27 11.25 -20.66 16.96
C GLU A 27 10.48 -21.37 15.81
N LYS A 28 9.86 -20.59 14.91
CA LYS A 28 9.13 -21.15 13.77
C LYS A 28 10.10 -21.89 12.85
N LYS A 29 11.31 -21.36 12.64
CA LYS A 29 12.31 -22.03 11.80
C LYS A 29 12.80 -23.29 12.50
N ALA A 30 13.05 -23.23 13.82
CA ALA A 30 13.51 -24.40 14.56
C ALA A 30 12.43 -25.50 14.55
N ASN A 31 11.17 -25.12 14.68
CA ASN A 31 10.06 -26.07 14.66
C ASN A 31 9.89 -26.72 13.29
N ALA A 32 10.16 -25.96 12.21
CA ALA A 32 10.07 -26.48 10.84
C ALA A 32 11.09 -27.60 10.68
N ILE A 33 12.32 -27.37 11.15
CA ILE A 33 13.40 -28.37 11.10
C ILE A 33 13.01 -29.59 11.95
N LYS A 34 12.50 -29.36 13.17
CA LYS A 34 12.10 -30.45 14.07
C LYS A 34 11.05 -31.35 13.40
N TYR A 35 10.00 -30.74 12.80
CA TYR A 35 8.93 -31.48 12.11
C TYR A 35 9.54 -32.34 10.99
N PHE A 36 10.42 -31.73 10.20
CA PHE A 36 11.09 -32.41 9.09
C PHE A 36 11.95 -33.58 9.56
N LEU A 37 12.64 -33.44 10.72
CA LEU A 37 13.49 -34.52 11.22
C LEU A 37 12.72 -35.73 11.75
N GLU A 38 11.42 -35.59 12.06
CA GLU A 38 10.54 -36.66 12.53
C GLU A 38 11.09 -37.47 13.73
N GLY A 39 11.72 -36.78 14.67
CA GLY A 39 12.29 -37.39 15.86
C GLY A 39 13.53 -38.24 15.65
N GLU A 40 14.19 -38.15 14.47
CA GLU A 40 15.39 -38.95 14.21
C GLU A 40 16.52 -38.46 15.09
N GLU A 41 17.35 -39.40 15.58
CA GLU A 41 18.49 -39.09 16.43
C GLU A 41 19.76 -39.13 15.61
N PHE A 42 20.72 -38.28 15.95
CA PHE A 42 21.99 -38.16 15.21
C PHE A 42 23.20 -38.15 16.14
N LYS A 43 24.33 -38.67 15.65
CA LYS A 43 25.59 -38.70 16.40
C LYS A 43 26.24 -37.31 16.41
N GLN A 44 26.26 -36.65 15.25
CA GLN A 44 26.88 -35.33 15.14
C GLN A 44 26.19 -34.43 14.12
N ALA A 45 25.78 -33.25 14.58
CA ALA A 45 25.12 -32.26 13.74
C ALA A 45 26.04 -31.06 13.56
N ILE A 46 26.16 -30.55 12.33
CA ILE A 46 26.97 -29.38 12.01
C ILE A 46 25.96 -28.35 11.45
N VAL A 47 25.94 -27.15 12.05
CA VAL A 47 25.07 -26.05 11.67
C VAL A 47 25.97 -24.91 11.21
N PHE A 48 25.86 -24.51 9.95
CA PHE A 48 26.65 -23.41 9.39
C PHE A 48 25.85 -22.10 9.49
N GLY A 49 26.43 -21.09 10.16
CA GLY A 49 25.78 -19.79 10.32
C GLY A 49 25.09 -19.64 11.66
N ALA A 50 25.74 -18.93 12.57
CA ALA A 50 25.25 -18.71 13.92
C ALA A 50 24.19 -17.62 13.98
N TYR A 51 24.35 -16.55 13.19
CA TYR A 51 23.41 -15.44 13.16
C TYR A 51 22.35 -15.69 12.06
N LEU A 52 21.05 -15.43 12.30
CA LEU A 52 20.42 -14.97 13.54
C LEU A 52 19.61 -16.12 14.16
N SER A 53 19.10 -17.04 13.34
CA SER A 53 18.31 -18.20 13.77
C SER A 53 19.20 -19.42 14.11
N GLY A 54 20.44 -19.45 13.64
CA GLY A 54 21.35 -20.57 13.90
C GLY A 54 21.56 -20.93 15.35
N SER A 55 21.66 -19.92 16.21
CA SER A 55 21.87 -20.09 17.65
C SER A 55 20.74 -20.91 18.28
N TYR A 56 19.48 -20.49 18.08
CA TYR A 56 18.35 -21.20 18.64
C TYR A 56 18.14 -22.56 17.94
N ILE A 57 18.42 -22.65 16.62
CA ILE A 57 18.28 -23.90 15.89
C ILE A 57 19.25 -24.93 16.46
N ALA A 58 20.53 -24.56 16.61
CA ALA A 58 21.54 -25.49 17.16
C ALA A 58 21.12 -26.00 18.57
N TYR A 59 20.61 -25.10 19.41
CA TYR A 59 20.14 -25.43 20.75
C TYR A 59 18.98 -26.43 20.70
N SER A 60 18.05 -26.27 19.72
CA SER A 60 16.89 -27.16 19.56
C SER A 60 17.29 -28.58 19.11
N LEU A 61 18.48 -28.74 18.50
CA LEU A 61 18.97 -30.04 18.06
C LEU A 61 19.67 -30.84 19.18
N LEU A 62 19.99 -30.26 20.36
CA LEU A 62 20.70 -30.95 21.47
C LEU A 62 19.98 -32.16 22.04
N LYS A 63 18.66 -32.13 22.06
CA LYS A 63 17.85 -33.23 22.56
C LYS A 63 18.08 -34.51 21.74
N ASP A 64 17.97 -34.44 20.41
CA ASP A 64 18.13 -35.60 19.54
C ASP A 64 19.55 -35.77 18.95
N CYS A 65 20.51 -34.87 19.26
CA CYS A 65 21.86 -35.00 18.71
C CYS A 65 22.86 -35.13 19.84
N GLU A 66 23.75 -36.14 19.76
CA GLU A 66 24.78 -36.39 20.78
C GLU A 66 25.74 -35.21 20.81
N GLU A 67 26.06 -34.63 19.63
CA GLU A 67 26.96 -33.50 19.51
C GLU A 67 26.42 -32.49 18.47
N VAL A 68 26.38 -31.20 18.83
CA VAL A 68 25.92 -30.13 17.95
C VAL A 68 27.06 -29.13 17.86
N ILE A 69 27.52 -28.83 16.65
CA ILE A 69 28.61 -27.90 16.39
C ILE A 69 28.11 -26.80 15.50
N ILE A 70 28.35 -25.52 15.89
CA ILE A 70 27.98 -24.35 15.11
C ILE A 70 29.27 -23.92 14.42
N VAL A 71 29.20 -23.68 13.12
CA VAL A 71 30.32 -23.24 12.34
C VAL A 71 29.99 -21.84 11.83
N ASP A 72 30.89 -20.87 12.03
CA ASP A 72 30.69 -19.52 11.54
C ASP A 72 32.05 -18.94 11.11
N ILE A 73 32.03 -18.22 9.99
CA ILE A 73 33.22 -17.58 9.42
C ILE A 73 33.72 -16.46 10.37
N GLN A 74 32.83 -15.91 11.20
CA GLN A 74 33.14 -14.86 12.17
C GLN A 74 33.36 -15.46 13.60
N PRO A 75 34.61 -15.54 14.12
CA PRO A 75 34.82 -16.11 15.46
C PRO A 75 34.07 -15.44 16.63
N HIS A 76 33.83 -14.10 16.56
CA HIS A 76 33.13 -13.39 17.63
C HIS A 76 31.66 -13.83 17.81
N LEU A 77 31.06 -14.51 16.81
CA LEU A 77 29.70 -15.02 16.91
C LEU A 77 29.58 -16.16 17.91
N LYS A 78 30.68 -16.60 18.56
CA LYS A 78 30.58 -17.63 19.59
C LYS A 78 29.71 -16.95 20.71
N ASP A 79 29.78 -15.60 20.86
CA ASP A 79 29.00 -14.82 21.84
C ASP A 79 27.47 -14.88 21.64
N ILE A 80 26.98 -15.18 20.42
CA ILE A 80 25.54 -15.26 20.18
C ILE A 80 25.02 -16.67 20.58
N LEU A 81 25.91 -17.65 20.89
CA LEU A 81 25.48 -19.01 21.29
C LEU A 81 24.64 -19.04 22.55
N PHE A 82 23.52 -19.74 22.42
CA PHE A 82 22.48 -19.97 23.43
C PHE A 82 22.87 -20.78 24.66
N ASN A 83 23.67 -21.84 24.48
CA ASN A 83 24.07 -22.75 25.55
C ASN A 83 25.51 -23.29 25.42
N ASP A 84 26.08 -23.72 26.57
CA ASP A 84 27.44 -24.29 26.66
C ASP A 84 27.55 -25.66 25.97
N GLY A 85 26.41 -26.35 25.80
CA GLY A 85 26.34 -27.65 25.17
C GLY A 85 26.57 -27.61 23.67
N ILE A 86 26.51 -26.39 23.04
CA ILE A 86 26.72 -26.21 21.61
C ILE A 86 28.21 -25.93 21.40
N LYS A 87 28.86 -26.72 20.57
CA LYS A 87 30.27 -26.54 20.28
C LYS A 87 30.39 -25.46 19.18
N PHE A 88 31.39 -24.60 19.26
CA PHE A 88 31.60 -23.55 18.27
C PHE A 88 32.91 -23.82 17.57
N MET A 89 32.90 -23.67 16.28
CA MET A 89 34.08 -23.90 15.46
C MET A 89 34.17 -22.81 14.41
N ASP A 90 35.34 -22.20 14.29
CA ASP A 90 35.59 -21.15 13.29
C ASP A 90 35.69 -21.88 11.94
N LEU A 91 35.38 -21.22 10.82
CA LEU A 91 35.46 -21.87 9.51
C LEU A 91 36.90 -22.37 9.24
N ASN A 92 37.90 -21.60 9.67
CA ASN A 92 39.35 -21.95 9.52
C ASN A 92 39.63 -23.28 10.24
N LYS A 93 39.11 -23.42 11.45
CA LYS A 93 39.28 -24.62 12.29
C LYS A 93 38.58 -25.83 11.69
N LEU A 94 37.37 -25.64 11.11
CA LEU A 94 36.62 -26.75 10.50
C LEU A 94 37.40 -27.31 9.33
N GLN A 95 37.76 -26.42 8.38
CA GLN A 95 38.53 -26.78 7.17
C GLN A 95 39.80 -27.55 7.54
N LEU A 96 40.51 -27.07 8.58
CA LEU A 96 41.74 -27.70 9.06
C LEU A 96 41.44 -29.10 9.59
N GLU A 97 40.42 -29.22 10.45
CA GLU A 97 40.02 -30.50 11.04
C GLU A 97 39.47 -31.51 10.00
N LEU A 98 38.94 -31.02 8.86
CA LEU A 98 38.42 -31.89 7.79
C LEU A 98 39.60 -32.54 7.05
N ARG A 99 40.64 -31.74 6.74
CA ARG A 99 41.85 -32.21 6.04
C ARG A 99 42.66 -33.19 6.89
N ASN A 100 43.04 -32.74 8.09
CA ASN A 100 43.85 -33.52 9.03
C ASN A 100 43.05 -33.89 10.28
N GLY A 101 42.22 -34.94 10.14
CA GLY A 101 41.39 -35.43 11.23
C GLY A 101 40.19 -36.24 10.79
N THR A 102 39.67 -37.05 11.71
CA THR A 102 38.50 -37.93 11.51
C THR A 102 37.37 -37.58 12.51
N SER A 103 37.56 -36.55 13.38
CA SER A 103 36.56 -36.13 14.37
C SER A 103 35.29 -35.55 13.74
N ILE A 104 35.37 -35.05 12.50
CA ILE A 104 34.23 -34.48 11.78
C ILE A 104 33.72 -35.41 10.69
N ASN A 105 32.50 -35.95 10.90
CA ASN A 105 31.80 -36.84 9.99
C ASN A 105 30.34 -36.76 10.45
N PRO A 106 29.69 -35.60 10.21
CA PRO A 106 28.30 -35.46 10.67
C PRO A 106 27.26 -36.24 9.89
N ASP A 107 26.23 -36.70 10.60
CA ASP A 107 25.11 -37.40 10.00
C ASP A 107 23.96 -36.36 9.75
N LEU A 108 24.13 -35.11 10.22
CA LEU A 108 23.15 -34.08 10.01
C LEU A 108 23.88 -32.78 9.72
N VAL A 109 23.66 -32.21 8.54
CA VAL A 109 24.29 -30.97 8.13
C VAL A 109 23.16 -29.97 7.85
N ILE A 110 23.26 -28.78 8.44
CA ILE A 110 22.27 -27.73 8.26
C ILE A 110 23.00 -26.46 7.81
N ASP A 111 22.71 -25.97 6.61
CA ASP A 111 23.34 -24.75 6.08
C ASP A 111 22.36 -23.56 6.19
N LEU A 112 22.64 -22.60 7.06
CA LEU A 112 21.79 -21.41 7.24
C LEU A 112 22.48 -20.13 6.80
N THR A 113 23.58 -20.23 6.05
CA THR A 113 24.34 -19.04 5.64
C THR A 113 23.67 -18.18 4.56
N GLY A 114 22.89 -18.79 3.69
CA GLY A 114 22.21 -18.06 2.62
C GLY A 114 23.10 -17.33 1.63
N ILE A 115 22.71 -16.09 1.27
CA ILE A 115 23.41 -15.23 0.29
C ILE A 115 24.91 -15.05 0.59
N GLY A 116 25.74 -15.43 -0.38
CA GLY A 116 27.19 -15.34 -0.28
C GLY A 116 27.81 -16.21 0.80
N GLY A 117 27.05 -17.21 1.24
CA GLY A 117 27.43 -18.14 2.28
C GLY A 117 28.36 -19.28 1.91
N VAL A 118 28.14 -20.46 2.52
CA VAL A 118 28.99 -21.62 2.27
C VAL A 118 28.91 -22.08 0.85
N SER A 119 30.02 -22.54 0.35
CA SER A 119 30.11 -22.99 -1.01
C SER A 119 29.62 -24.42 -1.14
N PRO A 120 29.07 -24.79 -2.32
CA PRO A 120 28.65 -26.19 -2.51
C PRO A 120 29.85 -27.13 -2.37
N ASP A 121 31.08 -26.67 -2.72
CA ASP A 121 32.31 -27.46 -2.61
C ASP A 121 32.55 -27.92 -1.17
N LEU A 122 32.35 -27.04 -0.18
CA LEU A 122 32.54 -27.42 1.23
C LEU A 122 31.46 -28.44 1.61
N ILE A 123 30.20 -28.18 1.23
CA ILE A 123 29.10 -29.09 1.55
C ILE A 123 29.35 -30.51 0.97
N SER A 124 29.89 -30.58 -0.26
CA SER A 124 30.19 -31.85 -0.94
C SER A 124 31.20 -32.75 -0.18
N LYS A 125 31.98 -32.18 0.76
CA LYS A 125 32.97 -32.95 1.53
C LYS A 125 32.30 -33.80 2.62
N PHE A 126 30.99 -33.56 2.93
CA PHE A 126 30.23 -34.32 3.93
C PHE A 126 29.40 -35.44 3.28
N ASN A 127 29.00 -36.42 4.08
CA ASN A 127 28.17 -37.55 3.64
C ASN A 127 27.16 -37.82 4.77
N PRO A 128 26.25 -36.87 5.05
CA PRO A 128 25.30 -37.09 6.12
C PRO A 128 24.07 -37.91 5.75
N LYS A 129 23.27 -38.24 6.74
CA LYS A 129 22.02 -38.96 6.55
C LYS A 129 21.01 -37.89 6.08
N VAL A 130 21.07 -36.67 6.67
CA VAL A 130 20.17 -35.56 6.34
C VAL A 130 20.91 -34.27 6.09
N LEU A 131 20.51 -33.56 5.02
CA LEU A 131 21.08 -32.26 4.65
C LEU A 131 19.92 -31.28 4.56
N ILE A 132 20.03 -30.14 5.24
CA ILE A 132 19.01 -29.10 5.21
C ILE A 132 19.73 -27.83 4.80
N VAL A 133 19.24 -27.18 3.78
CA VAL A 133 19.82 -25.93 3.28
C VAL A 133 18.72 -24.89 3.38
N GLU A 134 19.02 -23.74 3.96
CA GLU A 134 18.03 -22.68 4.07
C GLU A 134 18.02 -21.88 2.79
N ASP A 135 16.86 -21.70 2.20
CA ASP A 135 16.69 -20.94 0.94
C ASP A 135 16.56 -19.50 1.41
N PRO A 136 17.49 -18.59 1.06
CA PRO A 136 17.36 -17.19 1.51
C PRO A 136 16.30 -16.41 0.71
N LYS A 137 15.85 -16.93 -0.43
CA LYS A 137 14.86 -16.26 -1.24
C LYS A 137 13.50 -16.17 -0.58
N GLY A 138 12.87 -15.01 -0.72
CA GLY A 138 11.54 -14.76 -0.22
C GLY A 138 10.68 -14.73 -1.48
N ASN A 139 9.98 -13.65 -1.68
CA ASN A 139 9.14 -13.52 -2.86
C ASN A 139 10.03 -13.12 -4.06
N HIS A 140 9.49 -13.19 -5.27
CA HIS A 140 10.28 -12.92 -6.47
C HIS A 140 10.94 -11.55 -6.66
N ASP A 141 12.24 -11.63 -6.91
CA ASP A 141 13.16 -10.52 -7.18
C ASP A 141 14.29 -11.09 -8.06
N LYS A 142 14.46 -10.55 -9.25
CA LYS A 142 15.49 -11.00 -10.20
C LYS A 142 16.93 -10.96 -9.65
N GLY A 143 17.31 -9.84 -9.02
CA GLY A 143 18.63 -9.63 -8.43
C GLY A 143 18.98 -10.65 -7.37
N ILE A 144 18.02 -10.95 -6.50
CA ILE A 144 18.23 -11.94 -5.44
C ILE A 144 18.30 -13.37 -6.02
N SER A 145 17.43 -13.69 -6.99
CA SER A 145 17.41 -15.02 -7.63
C SER A 145 18.73 -15.32 -8.36
N LYS A 146 19.31 -14.31 -8.99
CA LYS A 146 20.57 -14.44 -9.72
C LYS A 146 21.74 -14.84 -8.79
N ILE A 147 21.86 -14.21 -7.61
CA ILE A 147 22.96 -14.51 -6.68
C ILE A 147 22.74 -15.80 -5.87
N ASP A 148 21.48 -16.25 -5.74
CA ASP A 148 21.14 -17.45 -4.99
C ASP A 148 21.61 -18.75 -5.67
N ASN A 149 22.22 -19.68 -4.91
CA ASN A 149 22.69 -20.98 -5.42
C ASN A 149 22.26 -22.14 -4.51
N THR A 150 21.11 -22.00 -3.85
CA THR A 150 20.56 -23.01 -2.94
C THR A 150 20.52 -24.40 -3.56
N ASP A 151 20.05 -24.51 -4.79
CA ASP A 151 19.96 -25.81 -5.50
C ASP A 151 21.33 -26.50 -5.64
N LYS A 152 22.39 -25.73 -5.91
CA LYS A 152 23.75 -26.28 -6.03
C LYS A 152 24.28 -26.79 -4.66
N ARG A 153 23.80 -26.20 -3.56
CA ARG A 153 24.21 -26.59 -2.20
C ARG A 153 23.61 -27.94 -1.79
N LEU A 154 22.48 -28.37 -2.39
CA LEU A 154 21.84 -29.66 -2.06
C LEU A 154 22.50 -30.74 -2.88
N CYS A 155 23.77 -31.01 -2.59
CA CYS A 155 24.57 -32.00 -3.32
C CYS A 155 24.91 -33.28 -2.56
N VAL A 156 24.51 -33.38 -1.27
CA VAL A 156 24.79 -34.58 -0.46
C VAL A 156 23.60 -34.88 0.44
N GLY A 157 23.64 -36.03 1.11
CA GLY A 157 22.60 -36.48 2.02
C GLY A 157 21.62 -37.48 1.45
N ALA A 158 21.25 -38.51 2.24
CA ALA A 158 20.29 -39.54 1.81
C ALA A 158 18.90 -38.89 1.73
N LYS A 159 18.64 -37.96 2.67
CA LYS A 159 17.39 -37.20 2.75
C LYS A 159 17.81 -35.72 2.66
N LYS A 160 17.21 -34.96 1.76
CA LYS A 160 17.53 -33.55 1.55
C LYS A 160 16.31 -32.68 1.71
N GLY A 161 16.50 -31.51 2.30
CA GLY A 161 15.41 -30.58 2.52
C GLY A 161 15.83 -29.13 2.38
N VAL A 162 14.87 -28.27 2.01
CA VAL A 162 15.09 -26.85 1.83
C VAL A 162 14.20 -26.12 2.81
N LEU A 163 14.80 -25.36 3.73
CA LEU A 163 14.05 -24.60 4.72
C LEU A 163 13.59 -23.30 4.06
N LYS A 164 12.27 -23.14 4.00
CA LYS A 164 11.64 -21.97 3.38
C LYS A 164 10.81 -21.24 4.43
N THR A 165 10.84 -19.92 4.38
CA THR A 165 10.11 -19.08 5.31
C THR A 165 9.54 -17.88 4.57
N TYR A 166 8.22 -17.70 4.67
CA TYR A 166 7.49 -16.61 4.02
C TYR A 166 6.45 -16.03 4.95
N ARG A 167 5.87 -14.93 4.51
CA ARG A 167 4.81 -14.28 5.25
C ARG A 167 3.57 -14.52 4.37
N SER A 168 2.50 -15.12 4.93
CA SER A 168 1.27 -15.36 4.18
C SER A 168 0.64 -14.06 3.77
N SER A 169 0.24 -13.95 2.47
CA SER A 169 -0.42 -12.77 1.90
C SER A 169 0.38 -11.47 1.94
N LYS A 170 1.70 -11.51 2.26
CA LYS A 170 2.52 -10.30 2.32
C LYS A 170 3.81 -10.52 1.57
N PHE A 171 4.36 -9.45 1.04
CA PHE A 171 5.60 -9.52 0.28
C PHE A 171 6.84 -9.30 1.16
N SER A 172 7.87 -10.14 1.00
CA SER A 172 9.17 -10.05 1.71
C SER A 172 10.21 -10.49 0.71
N LYS A 173 11.31 -9.77 0.64
CA LYS A 173 12.39 -10.07 -0.31
C LYS A 173 13.20 -11.28 0.03
N THR A 174 13.29 -11.65 1.32
CA THR A 174 14.07 -12.79 1.76
C THR A 174 13.34 -13.49 2.89
N SER A 175 13.86 -14.65 3.25
CA SER A 175 13.38 -15.48 4.34
C SER A 175 14.21 -15.21 5.58
N GLY A 176 15.18 -14.30 5.49
CA GLY A 176 16.04 -13.95 6.61
C GLY A 176 15.26 -13.44 7.79
N THR A 177 15.65 -13.87 8.98
CA THR A 177 15.05 -13.49 10.25
C THR A 177 14.97 -11.96 10.36
N MET A 178 16.07 -11.27 10.11
CA MET A 178 16.12 -9.81 10.16
C MET A 178 15.14 -9.18 9.17
N THR A 179 15.10 -9.69 7.93
CA THR A 179 14.20 -9.18 6.88
C THR A 179 12.76 -9.31 7.31
N LEU A 180 12.41 -10.49 7.78
CA LEU A 180 11.05 -10.76 8.24
C LEU A 180 10.62 -9.88 9.41
N VAL A 181 11.51 -9.68 10.41
CA VAL A 181 11.25 -8.85 11.59
C VAL A 181 10.96 -7.43 11.15
N VAL A 182 11.80 -6.90 10.29
CA VAL A 182 11.67 -5.54 9.74
C VAL A 182 10.35 -5.43 8.98
N ASP A 183 10.05 -6.40 8.12
CA ASP A 183 8.80 -6.37 7.33
C ASP A 183 7.54 -6.43 8.21
N ILE A 184 7.57 -7.26 9.27
CA ILE A 184 6.47 -7.39 10.24
C ILE A 184 6.20 -6.03 10.87
N ILE A 185 7.27 -5.36 11.32
CA ILE A 185 7.19 -4.05 11.98
C ILE A 185 6.69 -2.99 11.02
N MET A 186 7.27 -2.92 9.84
CA MET A 186 6.89 -1.94 8.80
C MET A 186 5.45 -2.10 8.39
N ASP A 187 4.99 -3.35 8.16
CA ASP A 187 3.60 -3.59 7.78
C ASP A 187 2.65 -3.26 8.92
N SER A 188 3.06 -3.53 10.18
CA SER A 188 2.25 -3.22 11.35
C SER A 188 2.08 -1.69 11.45
N CYS A 189 3.18 -0.93 11.25
CA CYS A 189 3.17 0.55 11.27
C CYS A 189 2.20 1.14 10.30
N ARG A 190 2.15 0.60 9.09
CA ARG A 190 1.26 1.14 8.07
C ARG A 190 -0.18 0.98 8.48
N GLU A 191 -0.55 -0.18 9.05
CA GLU A 191 -1.91 -0.40 9.51
C GLU A 191 -2.19 0.41 10.79
N ILE A 192 -1.26 0.47 11.73
CA ILE A 192 -1.42 1.21 12.98
C ILE A 192 -1.68 2.69 12.69
N ASN A 193 -0.96 3.26 11.70
CA ASN A 193 -1.13 4.65 11.32
C ASN A 193 -2.55 5.01 10.85
N GLU A 194 -3.28 4.01 10.33
CA GLU A 194 -4.66 4.21 9.86
C GLU A 194 -5.70 4.14 11.00
N LEU A 195 -5.30 3.78 12.24
CA LEU A 195 -6.26 3.72 13.35
C LEU A 195 -6.71 5.14 13.64
N ASP A 196 -7.98 5.30 14.03
CA ASP A 196 -8.52 6.62 14.33
C ASP A 196 -7.74 7.24 15.48
N SER A 197 -7.48 8.55 15.37
CA SER A 197 -6.78 9.38 16.33
C SER A 197 -5.25 9.26 16.31
N VAL A 198 -4.65 8.29 15.59
CA VAL A 198 -3.19 8.19 15.51
C VAL A 198 -2.61 9.37 14.72
N LEU A 199 -1.57 10.02 15.25
CA LEU A 199 -0.90 11.17 14.62
C LEU A 199 0.22 10.64 13.77
N TYR A 200 1.06 9.80 14.37
CA TYR A 200 2.18 9.19 13.66
C TYR A 200 2.62 7.94 14.38
N THR A 201 3.30 7.09 13.65
CA THR A 201 3.78 5.80 14.13
C THR A 201 5.24 5.63 13.83
N ILE A 202 6.01 5.29 14.85
CA ILE A 202 7.43 5.09 14.74
C ILE A 202 7.87 3.65 14.86
N PRO A 203 8.51 3.07 13.83
CA PRO A 203 9.04 1.70 13.99
C PRO A 203 10.42 1.95 14.66
N ASN A 204 10.74 1.29 15.76
CA ASN A 204 12.02 1.49 16.45
C ASN A 204 13.06 0.59 15.85
N LEU A 205 13.51 0.95 14.67
CA LEU A 205 14.46 0.18 13.91
C LEU A 205 15.73 0.92 13.66
N LYS A 206 16.76 0.14 13.44
CA LYS A 206 18.11 0.61 13.12
C LYS A 206 18.80 -0.56 12.42
N TYR A 207 20.00 -0.31 11.90
CA TYR A 207 20.77 -1.33 11.20
C TYR A 207 21.46 -2.25 12.26
N PHE A 208 20.64 -3.12 12.87
CA PHE A 208 21.06 -4.06 13.91
C PHE A 208 22.20 -4.99 13.41
N GLU A 209 22.15 -5.36 12.13
CA GLU A 209 23.16 -6.22 11.51
C GLU A 209 24.55 -5.56 11.65
N GLY A 210 24.61 -4.23 11.55
CA GLY A 210 25.84 -3.47 11.70
C GLY A 210 26.46 -3.64 13.08
N THR A 211 25.63 -3.68 14.13
CA THR A 211 26.12 -3.86 15.50
C THR A 211 26.81 -5.21 15.66
N VAL A 212 26.26 -6.24 15.00
CA VAL A 212 26.82 -7.58 15.08
C VAL A 212 28.06 -7.78 14.22
N PHE A 213 28.00 -7.40 12.97
CA PHE A 213 29.12 -7.63 12.02
C PHE A 213 30.14 -6.51 11.81
N HIS A 214 29.79 -5.25 12.04
CA HIS A 214 30.72 -4.14 11.86
C HIS A 214 31.31 -3.73 13.21
N GLU A 215 30.47 -3.61 14.25
CA GLU A 215 30.97 -3.25 15.57
C GLU A 215 31.39 -4.51 16.30
N LYS A 216 31.04 -5.72 15.77
CA LYS A 216 31.39 -7.00 16.38
C LYS A 216 30.99 -7.02 17.85
N ASN A 217 29.77 -6.53 18.15
CA ASN A 217 29.25 -6.43 19.52
C ASN A 217 27.89 -7.11 19.70
N VAL A 218 27.92 -8.41 20.00
CA VAL A 218 26.69 -9.21 20.19
C VAL A 218 25.89 -8.72 21.38
N LYS A 219 26.58 -8.35 22.48
CA LYS A 219 25.94 -7.87 23.68
C LYS A 219 25.10 -6.63 23.40
N LYS A 220 25.67 -5.66 22.71
CA LYS A 220 24.96 -4.41 22.38
C LYS A 220 23.77 -4.71 21.46
N PHE A 221 23.94 -5.63 20.50
CA PHE A 221 22.90 -6.05 19.59
C PHE A 221 21.71 -6.60 20.40
N LEU A 222 21.98 -7.51 21.33
CA LEU A 222 20.91 -8.09 22.16
C LEU A 222 20.20 -7.00 22.98
N THR A 223 20.95 -6.01 23.48
CA THR A 223 20.36 -4.91 24.26
C THR A 223 19.44 -4.09 23.35
N GLU A 224 19.86 -3.84 22.10
CA GLU A 224 19.06 -3.08 21.13
C GLU A 224 17.73 -3.79 20.79
N LEU A 225 17.68 -5.15 20.86
CA LEU A 225 16.46 -5.92 20.59
C LEU A 225 15.41 -5.77 21.74
N ASN A 226 15.82 -5.23 22.89
CA ASN A 226 14.97 -5.01 24.07
C ASN A 226 14.00 -3.80 23.97
N MET A 227 14.05 -3.10 22.90
CA MET A 227 13.19 -1.94 22.66
C MET A 227 11.80 -2.39 22.17
N SER A 228 10.78 -1.60 22.48
CA SER A 228 9.41 -1.81 22.03
C SER A 228 9.51 -1.74 20.48
N ALA A 229 8.82 -2.61 19.80
CA ALA A 229 8.83 -2.63 18.35
C ALA A 229 8.28 -1.33 17.74
N ILE A 230 7.21 -0.79 18.34
CA ILE A 230 6.59 0.44 17.82
C ILE A 230 6.24 1.44 18.89
N THR A 231 6.32 2.74 18.53
CA THR A 231 5.95 3.86 19.42
C THR A 231 4.88 4.62 18.64
N VAL A 232 3.77 4.91 19.26
CA VAL A 232 2.67 5.60 18.62
C VAL A 232 2.30 6.86 19.33
N SER A 233 1.95 7.90 18.56
CA SER A 233 1.51 9.19 19.09
C SER A 233 0.02 9.23 18.67
N SER A 234 -0.91 9.40 19.63
CA SER A 234 -2.35 9.44 19.30
C SER A 234 -3.18 10.27 20.27
N ILE A 235 -4.39 10.63 19.87
CA ILE A 235 -5.26 11.40 20.75
C ILE A 235 -5.97 10.41 21.72
N ASP A 236 -6.36 9.23 21.21
CA ASP A 236 -7.06 8.21 21.98
C ASP A 236 -6.21 6.99 22.26
N HIS A 237 -6.66 6.11 23.15
CA HIS A 237 -5.93 4.89 23.49
C HIS A 237 -5.92 3.94 22.32
N VAL A 238 -4.75 3.38 22.03
CA VAL A 238 -4.55 2.44 20.92
C VAL A 238 -3.79 1.21 21.36
N GLU A 239 -3.43 1.12 22.63
CA GLU A 239 -2.69 0.01 23.20
C GLU A 239 -3.23 -1.38 22.78
N TYR A 240 -4.56 -1.61 22.84
CA TYR A 240 -5.12 -2.90 22.43
C TYR A 240 -4.90 -3.23 20.94
N GLU A 241 -5.29 -2.32 20.08
CA GLU A 241 -5.19 -2.45 18.62
C GLU A 241 -3.70 -2.59 18.18
N LEU A 242 -2.80 -1.87 18.87
CA LEU A 242 -1.38 -1.91 18.62
C LEU A 242 -0.80 -3.32 18.80
N GLU A 243 -1.16 -4.04 19.87
CA GLU A 243 -0.64 -5.38 20.08
C GLU A 243 -1.32 -6.36 19.14
N GLU A 244 -2.59 -6.14 18.83
CA GLU A 244 -3.32 -7.03 17.94
C GLU A 244 -2.80 -6.95 16.50
N ILE A 245 -2.38 -5.75 16.03
CA ILE A 245 -1.85 -5.62 14.67
C ILE A 245 -0.51 -6.30 14.59
N LEU A 246 0.34 -6.10 15.62
CA LEU A 246 1.67 -6.70 15.64
C LEU A 246 1.57 -8.21 15.65
N SER A 247 0.71 -8.76 16.54
CA SER A 247 0.49 -10.20 16.69
C SER A 247 0.01 -10.81 15.40
N LYS A 248 -0.93 -10.15 14.73
CA LYS A 248 -1.48 -10.60 13.45
C LYS A 248 -0.33 -10.69 12.42
N ASN A 249 0.53 -9.66 12.34
CA ASN A 249 1.64 -9.71 11.40
C ASN A 249 2.68 -10.77 11.76
N ILE A 250 2.92 -11.04 13.08
CA ILE A 250 3.87 -12.09 13.51
C ILE A 250 3.31 -13.46 13.07
N SER A 251 1.98 -13.66 13.28
CA SER A 251 1.29 -14.92 12.93
C SER A 251 1.32 -15.28 11.42
N ARG A 252 1.51 -14.30 10.53
CA ARG A 252 1.58 -14.56 9.09
C ARG A 252 2.84 -15.36 8.72
N VAL A 253 3.90 -15.37 9.56
CA VAL A 253 5.14 -16.11 9.27
C VAL A 253 4.88 -17.59 9.23
N ASP A 254 5.25 -18.22 8.14
CA ASP A 254 5.09 -19.65 7.93
C ASP A 254 6.44 -20.20 7.50
N SER A 255 6.95 -21.13 8.27
CA SER A 255 8.24 -21.74 7.99
C SER A 255 8.04 -23.25 7.82
N PHE A 256 8.73 -23.82 6.86
CA PHE A 256 8.63 -25.26 6.60
C PHE A 256 9.81 -25.73 5.80
N VAL A 257 10.11 -27.04 5.90
CA VAL A 257 11.21 -27.64 5.15
C VAL A 257 10.56 -28.42 4.02
N LYS A 258 10.91 -28.09 2.78
CA LYS A 258 10.38 -28.78 1.63
C LYS A 258 11.36 -29.91 1.32
N GLU A 259 10.88 -31.16 1.31
CA GLU A 259 11.75 -32.29 1.02
C GLU A 259 12.08 -32.31 -0.48
N PHE A 260 13.36 -32.50 -0.82
CA PHE A 260 13.83 -32.58 -2.19
C PHE A 260 14.03 -34.06 -2.48
N ASP A 261 13.19 -34.64 -3.35
CA ASP A 261 13.27 -36.05 -3.70
C ASP A 261 14.47 -36.37 -4.60
N LYS A 262 15.32 -37.30 -4.13
CA LYS A 262 16.53 -37.81 -4.78
C LYS A 262 16.51 -39.30 -4.36
N LEU A 263 16.02 -40.15 -5.26
CA LEU A 263 15.84 -41.60 -5.06
C LEU A 263 17.11 -42.40 -4.68
N ALA A 264 18.30 -42.02 -5.18
CA ALA A 264 19.53 -42.74 -4.85
C ALA A 264 20.02 -42.42 -3.43
N MET B 1 29.27 3.66 0.76
CA MET B 1 28.71 2.39 1.21
C MET B 1 29.77 1.41 1.69
N ASN B 2 29.31 0.30 2.25
CA ASN B 2 30.13 -0.77 2.78
C ASN B 2 29.39 -2.09 2.45
N TYR B 3 29.90 -3.20 2.92
CA TYR B 3 29.31 -4.51 2.71
C TYR B 3 28.58 -4.86 3.99
N GLY B 4 27.74 -5.89 3.92
CA GLY B 4 26.98 -6.33 5.07
C GLY B 4 27.66 -7.50 5.76
N ILE B 5 26.97 -8.65 5.81
CA ILE B 5 27.47 -9.88 6.45
C ILE B 5 28.66 -10.46 5.67
N THR B 6 28.61 -10.37 4.35
CA THR B 6 29.65 -10.85 3.44
C THR B 6 29.76 -9.81 2.34
N GLU B 7 30.73 -10.00 1.44
CA GLU B 7 30.95 -9.09 0.32
C GLU B 7 29.89 -9.25 -0.79
N SER B 8 28.98 -10.25 -0.69
CA SER B 8 27.92 -10.47 -1.68
C SER B 8 26.73 -9.52 -1.44
N VAL B 9 26.66 -8.86 -0.27
CA VAL B 9 25.58 -7.95 0.07
C VAL B 9 26.14 -6.59 0.41
N LYS B 10 25.52 -5.55 -0.14
CA LYS B 10 25.90 -4.16 0.08
C LYS B 10 25.02 -3.50 1.12
N THR B 11 25.61 -2.58 1.92
CA THR B 11 24.90 -1.80 2.92
C THR B 11 25.05 -0.38 2.47
N THR B 12 23.95 0.34 2.23
CA THR B 12 23.97 1.71 1.78
C THR B 12 23.19 2.60 2.71
N ARG B 13 23.82 3.67 3.20
CA ARG B 13 23.19 4.62 4.10
C ARG B 13 22.91 5.85 3.25
N SER B 14 21.71 6.42 3.33
CA SER B 14 21.36 7.59 2.54
C SER B 14 22.20 8.78 2.92
N LYS B 15 22.55 9.60 1.90
CA LYS B 15 23.34 10.83 2.06
C LYS B 15 22.38 11.81 2.74
N ILE B 16 21.08 11.68 2.43
CA ILE B 16 20.05 12.52 3.03
C ILE B 16 19.91 12.08 4.50
N LYS B 17 20.09 13.04 5.40
CA LYS B 17 20.00 12.81 6.83
C LYS B 17 18.61 13.24 7.29
N ILE B 18 18.20 12.84 8.49
CA ILE B 18 16.89 13.23 9.02
C ILE B 18 16.84 14.76 9.16
N LYS B 19 17.94 15.38 9.63
CA LYS B 19 18.01 16.85 9.78
C LYS B 19 17.74 17.56 8.42
N ASP B 20 18.18 16.95 7.28
CA ASP B 20 17.97 17.52 5.96
C ASP B 20 16.48 17.52 5.61
N ILE B 21 15.74 16.46 6.04
CA ILE B 21 14.31 16.35 5.78
C ILE B 21 13.61 17.39 6.66
N VAL B 22 14.01 17.48 7.93
CA VAL B 22 13.44 18.45 8.88
C VAL B 22 13.65 19.86 8.33
N SER B 23 14.88 20.18 7.89
CA SER B 23 15.21 21.49 7.34
C SER B 23 14.34 21.87 6.14
N ASP B 24 14.15 20.92 5.22
CA ASP B 24 13.32 21.14 4.02
C ASP B 24 11.88 21.46 4.40
N VAL B 25 11.31 20.72 5.36
CA VAL B 25 9.94 20.94 5.82
C VAL B 25 9.81 22.31 6.52
N VAL B 26 10.71 22.64 7.46
CA VAL B 26 10.64 23.92 8.18
C VAL B 26 10.85 25.08 7.22
N GLU B 27 11.73 24.94 6.23
CA GLU B 27 11.99 25.99 5.26
C GLU B 27 10.70 26.21 4.41
N LYS B 28 10.00 25.13 4.04
CA LYS B 28 8.76 25.26 3.27
C LYS B 28 7.71 26.01 4.09
N LYS B 29 7.61 25.74 5.39
CA LYS B 29 6.66 26.43 6.25
C LYS B 29 7.07 27.90 6.39
N ALA B 30 8.37 28.17 6.58
CA ALA B 30 8.86 29.56 6.72
C ALA B 30 8.61 30.32 5.43
N ASN B 31 8.83 29.69 4.28
CA ASN B 31 8.61 30.34 2.98
C ASN B 31 7.14 30.61 2.73
N ALA B 32 6.23 29.73 3.21
CA ALA B 32 4.79 29.91 3.06
C ALA B 32 4.39 31.20 3.77
N ILE B 33 4.88 31.38 5.00
CA ILE B 33 4.63 32.57 5.81
C ILE B 33 5.22 33.81 5.09
N LYS B 34 6.45 33.72 4.61
CA LYS B 34 7.11 34.83 3.91
C LYS B 34 6.28 35.28 2.69
N TYR B 35 5.86 34.30 1.84
CA TYR B 35 5.03 34.56 0.67
C TYR B 35 3.70 35.23 1.05
N PHE B 36 3.12 34.82 2.16
CA PHE B 36 1.86 35.37 2.68
C PHE B 36 2.05 36.79 3.18
N LEU B 37 3.18 37.09 3.84
CA LEU B 37 3.44 38.41 4.38
C LEU B 37 3.70 39.47 3.30
N GLU B 38 4.03 39.07 2.05
CA GLU B 38 4.26 39.98 0.91
C GLU B 38 5.26 41.13 1.19
N GLY B 39 6.32 40.83 1.93
CA GLY B 39 7.34 41.80 2.27
C GLY B 39 6.96 42.85 3.30
N GLU B 40 5.83 42.69 4.02
CA GLU B 40 5.42 43.66 5.02
C GLU B 40 6.40 43.64 6.19
N GLU B 41 6.71 44.82 6.74
CA GLU B 41 7.63 44.96 7.88
C GLU B 41 6.80 45.13 9.14
N PHE B 42 7.33 44.63 10.28
CA PHE B 42 6.64 44.69 11.57
C PHE B 42 7.55 45.14 12.71
N LYS B 43 6.98 45.81 13.71
CA LYS B 43 7.71 46.29 14.88
C LYS B 43 8.00 45.14 15.85
N GLN B 44 6.99 44.30 16.09
CA GLN B 44 7.16 43.18 17.02
C GLN B 44 6.35 41.96 16.62
N ALA B 45 7.04 40.83 16.47
CA ALA B 45 6.41 39.57 16.11
C ALA B 45 6.49 38.61 17.29
N ILE B 46 5.38 37.92 17.60
CA ILE B 46 5.30 36.94 18.67
C ILE B 46 4.97 35.61 17.99
N VAL B 47 5.80 34.59 18.22
CA VAL B 47 5.65 33.25 17.65
C VAL B 47 5.46 32.28 18.81
N PHE B 48 4.29 31.61 18.87
CA PHE B 48 3.99 30.64 19.94
C PHE B 48 4.39 29.24 19.46
N GLY B 49 5.21 28.54 20.23
CA GLY B 49 5.67 27.21 19.89
C GLY B 49 7.00 27.20 19.16
N ALA B 50 8.07 26.89 19.91
CA ALA B 50 9.45 26.83 19.43
C ALA B 50 9.75 25.54 18.66
N TYR B 51 9.19 24.42 19.11
CA TYR B 51 9.39 23.13 18.47
C TYR B 51 8.25 22.87 17.46
N LEU B 52 8.51 22.32 16.26
CA LEU B 52 9.84 21.99 15.71
C LEU B 52 10.20 23.03 14.62
N SER B 53 9.19 23.57 13.94
CA SER B 53 9.35 24.54 12.87
C SER B 53 9.49 26.01 13.39
N GLY B 54 9.00 26.31 14.60
CA GLY B 54 9.03 27.64 15.19
C GLY B 54 10.37 28.34 15.25
N SER B 55 11.43 27.58 15.55
CA SER B 55 12.80 28.09 15.65
C SER B 55 13.25 28.73 14.33
N TYR B 56 13.15 27.98 13.22
CA TYR B 56 13.56 28.51 11.91
C TYR B 56 12.59 29.59 11.44
N ILE B 57 11.28 29.45 11.75
CA ILE B 57 10.29 30.44 11.34
C ILE B 57 10.69 31.79 11.97
N ALA B 58 10.92 31.82 13.30
CA ALA B 58 11.32 33.03 14.04
C ALA B 58 12.63 33.63 13.49
N TYR B 59 13.60 32.77 13.13
CA TYR B 59 14.88 33.19 12.56
C TYR B 59 14.61 33.92 11.25
N SER B 60 13.82 33.29 10.34
CA SER B 60 13.46 33.84 9.03
C SER B 60 12.68 35.18 9.17
N LEU B 61 11.91 35.35 10.27
CA LEU B 61 11.15 36.59 10.50
C LEU B 61 12.03 37.77 10.89
N LEU B 62 13.31 37.56 11.28
CA LEU B 62 14.20 38.69 11.64
C LEU B 62 14.48 39.57 10.39
N LYS B 63 14.29 39.03 9.17
CA LYS B 63 14.50 39.79 7.94
C LYS B 63 13.49 40.96 7.86
N ASP B 64 12.20 40.68 8.22
CA ASP B 64 11.11 41.66 8.20
C ASP B 64 10.62 42.19 9.57
N CYS B 65 11.15 41.73 10.72
CA CYS B 65 10.65 42.28 12.00
C CYS B 65 11.75 42.88 12.86
N GLU B 66 11.48 44.06 13.51
CA GLU B 66 12.45 44.75 14.39
C GLU B 66 12.74 43.88 15.62
N GLU B 67 11.70 43.19 16.14
CA GLU B 67 11.83 42.31 17.30
C GLU B 67 11.01 41.03 17.06
N VAL B 68 11.62 39.86 17.32
CA VAL B 68 10.97 38.56 17.17
C VAL B 68 11.10 37.86 18.52
N ILE B 69 9.96 37.51 19.12
CA ILE B 69 9.91 36.83 20.40
C ILE B 69 9.29 35.44 20.23
N ILE B 70 10.01 34.38 20.60
CA ILE B 70 9.50 33.02 20.54
C ILE B 70 8.89 32.81 21.93
N VAL B 71 7.66 32.26 22.02
CA VAL B 71 7.06 32.02 23.32
C VAL B 71 6.79 30.53 23.43
N ASP B 72 7.24 29.89 24.50
CA ASP B 72 6.96 28.47 24.64
C ASP B 72 6.61 28.18 26.10
N ILE B 73 5.70 27.25 26.32
CA ILE B 73 5.26 26.82 27.65
C ILE B 73 6.41 26.05 28.36
N GLN B 74 7.38 25.45 27.59
CA GLN B 74 8.54 24.72 28.09
C GLN B 74 9.78 25.63 28.10
N PRO B 75 10.26 26.11 29.27
CA PRO B 75 11.45 27.00 29.28
C PRO B 75 12.72 26.40 28.64
N HIS B 76 12.95 25.07 28.75
CA HIS B 76 14.14 24.45 28.16
C HIS B 76 14.20 24.55 26.62
N LEU B 77 13.06 24.88 25.96
CA LEU B 77 13.05 25.02 24.50
C LEU B 77 13.77 26.27 24.01
N LYS B 78 14.34 27.10 24.92
CA LYS B 78 15.13 28.27 24.53
C LYS B 78 16.39 27.69 23.83
N ASP B 79 16.80 26.46 24.21
CA ASP B 79 17.96 25.75 23.64
C ASP B 79 17.78 25.39 22.15
N ILE B 80 16.52 25.32 21.62
CA ILE B 80 16.29 24.99 20.19
C ILE B 80 16.44 26.24 19.30
N LEU B 81 16.59 27.45 19.89
CA LEU B 81 16.77 28.68 19.12
C LEU B 81 18.26 28.69 18.75
N PHE B 82 18.59 28.98 17.49
CA PHE B 82 19.99 29.00 17.02
C PHE B 82 20.52 30.42 16.70
N ASN B 83 19.79 31.48 17.08
CA ASN B 83 20.21 32.87 16.84
C ASN B 83 19.86 33.72 18.05
N ASP B 84 20.82 34.53 18.56
CA ASP B 84 20.63 35.41 19.72
C ASP B 84 19.64 36.56 19.46
N GLY B 85 19.38 36.87 18.18
CA GLY B 85 18.44 37.93 17.81
C GLY B 85 17.01 37.57 18.14
N ILE B 86 16.72 36.26 18.31
CA ILE B 86 15.38 35.78 18.66
C ILE B 86 15.30 35.82 20.18
N LYS B 87 14.33 36.58 20.69
CA LYS B 87 14.10 36.73 22.12
C LYS B 87 13.21 35.55 22.56
N PHE B 88 13.42 35.00 23.77
CA PHE B 88 12.63 33.89 24.28
C PHE B 88 11.93 34.30 25.56
N MET B 89 10.70 33.82 25.73
CA MET B 89 9.90 34.09 26.89
C MET B 89 9.08 32.86 27.14
N ASP B 90 9.00 32.40 28.41
CA ASP B 90 8.17 31.24 28.67
C ASP B 90 6.73 31.79 28.78
N LEU B 91 5.72 30.92 28.69
CA LEU B 91 4.32 31.33 28.74
C LEU B 91 3.95 32.15 29.97
N ASN B 92 4.43 31.77 31.16
CA ASN B 92 4.14 32.52 32.40
C ASN B 92 4.69 33.96 32.38
N LYS B 93 5.93 34.15 31.90
CA LYS B 93 6.54 35.48 31.83
C LYS B 93 5.69 36.38 30.90
N LEU B 94 5.27 35.83 29.71
CA LEU B 94 4.43 36.54 28.72
C LEU B 94 3.10 36.95 29.37
N GLN B 95 2.38 36.00 30.00
CA GLN B 95 1.09 36.25 30.66
C GLN B 95 1.22 37.34 31.74
N LEU B 96 2.35 37.37 32.48
CA LEU B 96 2.57 38.39 33.53
C LEU B 96 2.83 39.75 32.90
N GLU B 97 3.68 39.78 31.86
CA GLU B 97 4.03 41.02 31.15
C GLU B 97 2.80 41.61 30.41
N LEU B 98 1.80 40.78 30.05
CA LEU B 98 0.58 41.25 29.37
C LEU B 98 -0.30 42.01 30.38
N ARG B 99 -0.45 41.44 31.60
CA ARG B 99 -1.28 42.05 32.65
C ARG B 99 -0.68 43.35 33.16
N ASN B 100 0.59 43.29 33.62
CA ASN B 100 1.31 44.45 34.15
C ASN B 100 2.48 44.83 33.25
N GLY B 101 2.17 45.58 32.20
CA GLY B 101 3.16 46.05 31.24
C GLY B 101 2.59 46.44 29.89
N THR B 102 3.35 47.26 29.15
CA THR B 102 3.00 47.76 27.82
C THR B 102 4.06 47.34 26.77
N SER B 103 5.12 46.59 27.18
CA SER B 103 6.20 46.15 26.29
C SER B 103 5.72 45.16 25.22
N ILE B 104 4.60 44.44 25.47
CA ILE B 104 4.03 43.47 24.53
C ILE B 104 2.79 44.01 23.85
N ASN B 105 2.90 44.27 22.56
CA ASN B 105 1.81 44.75 21.71
C ASN B 105 2.27 44.42 20.28
N PRO B 106 2.29 43.12 19.93
CA PRO B 106 2.74 42.75 18.59
C PRO B 106 1.79 43.08 17.46
N ASP B 107 2.37 43.43 16.31
CA ASP B 107 1.64 43.72 15.08
C ASP B 107 1.61 42.40 14.25
N LEU B 108 2.40 41.35 14.64
CA LEU B 108 2.41 40.05 13.93
C LEU B 108 2.37 38.94 14.98
N VAL B 109 1.31 38.13 14.97
CA VAL B 109 1.18 37.01 15.90
C VAL B 109 1.10 35.74 15.06
N ILE B 110 1.93 34.76 15.41
CA ILE B 110 1.97 33.48 14.70
C ILE B 110 1.80 32.37 15.74
N ASP B 111 0.73 31.58 15.62
CA ASP B 111 0.49 30.48 16.57
C ASP B 111 0.84 29.15 15.89
N LEU B 112 1.90 28.47 16.34
CA LEU B 112 2.33 27.19 15.80
C LEU B 112 2.17 26.05 16.80
N THR B 113 1.42 26.27 17.90
CA THR B 113 1.27 25.24 18.93
C THR B 113 0.41 24.03 18.54
N GLY B 114 -0.58 24.23 17.68
CA GLY B 114 -1.45 23.16 17.24
C GLY B 114 -2.26 22.47 18.34
N ILE B 115 -2.33 21.12 18.28
CA ILE B 115 -3.09 20.27 19.20
C ILE B 115 -2.78 20.53 20.67
N GLY B 116 -3.81 20.88 21.44
CA GLY B 116 -3.70 21.15 22.87
C GLY B 116 -2.84 22.37 23.20
N GLY B 117 -2.64 23.22 22.21
CA GLY B 117 -1.83 24.42 22.31
C GLY B 117 -2.46 25.65 22.93
N VAL B 118 -2.09 26.82 22.40
CA VAL B 118 -2.58 28.13 22.87
C VAL B 118 -4.11 28.24 22.77
N SER B 119 -4.69 28.80 23.82
CA SER B 119 -6.14 28.97 23.88
C SER B 119 -6.56 30.19 23.07
N PRO B 120 -7.79 30.16 22.51
CA PRO B 120 -8.26 31.34 21.78
C PRO B 120 -8.33 32.56 22.71
N ASP B 121 -8.57 32.34 24.04
CA ASP B 121 -8.64 33.41 25.03
C ASP B 121 -7.32 34.20 25.09
N LEU B 122 -6.16 33.52 25.05
CA LEU B 122 -4.88 34.22 25.08
C LEU B 122 -4.70 34.99 23.77
N ILE B 123 -5.02 34.37 22.61
CA ILE B 123 -4.91 35.03 21.30
C ILE B 123 -5.76 36.31 21.25
N SER B 124 -6.99 36.26 21.84
CA SER B 124 -7.90 37.42 21.86
C SER B 124 -7.35 38.66 22.59
N LYS B 125 -6.32 38.51 23.44
CA LYS B 125 -5.72 39.62 24.17
C LYS B 125 -4.83 40.50 23.27
N PHE B 126 -4.46 40.04 22.06
CA PHE B 126 -3.62 40.81 21.13
C PHE B 126 -4.51 41.50 20.09
N ASN B 127 -3.92 42.48 19.40
CA ASN B 127 -4.59 43.26 18.35
C ASN B 127 -3.54 43.51 17.25
N PRO B 128 -3.08 42.45 16.57
CA PRO B 128 -2.08 42.65 15.53
C PRO B 128 -2.61 43.04 14.18
N LYS B 129 -1.70 43.37 13.27
CA LYS B 129 -2.05 43.71 11.90
C LYS B 129 -2.28 42.37 11.19
N VAL B 130 -1.45 41.35 11.50
CA VAL B 130 -1.53 40.02 10.91
C VAL B 130 -1.51 38.92 11.95
N LEU B 131 -2.41 37.92 11.78
CA LEU B 131 -2.49 36.77 12.66
C LEU B 131 -2.39 35.53 11.76
N ILE B 132 -1.47 34.62 12.09
CA ILE B 132 -1.28 33.37 11.37
C ILE B 132 -1.42 32.26 12.39
N VAL B 133 -2.29 31.31 12.13
CA VAL B 133 -2.51 30.18 13.02
C VAL B 133 -2.18 28.94 12.19
N GLU B 134 -1.36 28.04 12.74
CA GLU B 134 -1.02 26.82 12.02
C GLU B 134 -2.09 25.81 12.26
N ASP B 135 -2.62 25.25 11.18
CA ASP B 135 -3.65 24.23 11.29
C ASP B 135 -2.89 22.91 11.51
N PRO B 136 -3.06 22.19 12.64
CA PRO B 136 -2.33 20.92 12.82
C PRO B 136 -2.93 19.74 12.02
N LYS B 137 -4.15 19.89 11.52
CA LYS B 137 -4.80 18.83 10.77
C LYS B 137 -4.13 18.57 9.44
N GLY B 138 -4.02 17.29 9.09
CA GLY B 138 -3.44 16.85 7.84
C GLY B 138 -4.64 16.38 7.06
N ASN B 139 -4.62 15.14 6.63
CA ASN B 139 -5.75 14.56 5.92
C ASN B 139 -6.80 14.14 6.96
N HIS B 140 -8.00 13.84 6.51
CA HIS B 140 -9.10 13.51 7.42
C HIS B 140 -8.96 12.34 8.38
N ASP B 141 -9.19 12.67 9.66
CA ASP B 141 -9.20 11.73 10.79
C ASP B 141 -10.21 12.32 11.81
N LYS B 142 -11.25 11.56 12.14
CA LYS B 142 -12.29 12.00 13.10
C LYS B 142 -11.77 12.43 14.47
N GLY B 143 -10.90 11.61 15.07
CA GLY B 143 -10.30 11.89 16.37
C GLY B 143 -9.50 13.17 16.41
N ILE B 144 -8.71 13.42 15.37
CA ILE B 144 -7.91 14.65 15.28
C ILE B 144 -8.79 15.88 15.03
N SER B 145 -9.79 15.76 14.16
CA SER B 145 -10.70 16.88 13.86
C SER B 145 -11.48 17.31 15.09
N LYS B 146 -11.89 16.34 15.92
CA LYS B 146 -12.65 16.64 17.14
C LYS B 146 -11.86 17.51 18.14
N ILE B 147 -10.57 17.21 18.35
CA ILE B 147 -9.74 17.97 19.30
C ILE B 147 -9.24 19.32 18.73
N ASP B 148 -9.22 19.46 17.41
CA ASP B 148 -8.76 20.69 16.76
C ASP B 148 -9.71 21.89 16.93
N ASN B 149 -9.17 23.09 17.24
CA ASN B 149 -9.96 24.33 17.41
C ASN B 149 -9.30 25.52 16.67
N THR B 150 -8.62 25.24 15.55
CA THR B 150 -7.94 26.26 14.73
C THR B 150 -8.84 27.45 14.39
N ASP B 151 -10.07 27.18 13.97
CA ASP B 151 -11.03 28.23 13.60
C ASP B 151 -11.33 29.19 14.77
N LYS B 152 -11.43 28.67 15.99
CA LYS B 152 -11.69 29.50 17.18
C LYS B 152 -10.48 30.40 17.50
N ARG B 153 -9.25 29.96 17.12
CA ARG B 153 -8.02 30.72 17.36
C ARG B 153 -7.90 31.93 16.45
N LEU B 154 -8.56 31.94 15.28
CA LEU B 154 -8.51 33.07 14.34
C LEU B 154 -9.55 34.11 14.76
N CYS B 155 -9.33 34.74 15.91
CA CYS B 155 -10.25 35.72 16.49
C CYS B 155 -9.76 37.17 16.49
N VAL B 156 -8.53 37.43 16.01
CA VAL B 156 -7.97 38.80 15.97
C VAL B 156 -7.16 38.99 14.69
N GLY B 157 -6.75 40.21 14.43
CA GLY B 157 -5.96 40.58 13.28
C GLY B 157 -6.73 41.19 12.11
N ALA B 158 -6.17 42.23 11.48
CA ALA B 158 -6.80 42.89 10.32
C ALA B 158 -6.74 41.92 9.15
N LYS B 159 -5.62 41.16 9.04
CA LYS B 159 -5.39 40.16 8.01
C LYS B 159 -5.17 38.85 8.77
N LYS B 160 -5.91 37.79 8.41
CA LYS B 160 -5.80 36.48 9.07
C LYS B 160 -5.46 35.41 8.07
N GLY B 161 -4.64 34.46 8.51
CA GLY B 161 -4.22 33.35 7.66
C GLY B 161 -4.06 32.06 8.42
N VAL B 162 -4.23 30.94 7.71
CA VAL B 162 -4.10 29.61 8.28
C VAL B 162 -2.99 28.91 7.53
N LEU B 163 -1.93 28.52 8.26
CA LEU B 163 -0.79 27.83 7.66
C LEU B 163 -1.16 26.37 7.55
N LYS B 164 -1.20 25.86 6.33
CA LYS B 164 -1.55 24.47 6.02
C LYS B 164 -0.39 23.80 5.35
N THR B 165 -0.16 22.54 5.69
CA THR B 165 0.93 21.75 5.13
C THR B 165 0.46 20.34 4.90
N TYR B 166 0.58 19.87 3.66
CA TYR B 166 0.19 18.53 3.23
C TYR B 166 1.21 17.94 2.30
N ARG B 167 1.00 16.68 1.96
CA ARG B 167 1.84 15.95 1.05
C ARG B 167 0.96 15.68 -0.13
N SER B 168 1.37 16.11 -1.31
CA SER B 168 0.60 15.89 -2.53
C SER B 168 0.49 14.41 -2.80
N SER B 169 -0.75 13.93 -3.08
CA SER B 169 -1.05 12.52 -3.41
C SER B 169 -0.73 11.51 -2.32
N LYS B 170 -0.41 11.95 -1.08
CA LYS B 170 -0.06 11.00 0.02
C LYS B 170 -0.80 11.36 1.28
N PHE B 171 -1.13 10.34 2.04
CA PHE B 171 -1.86 10.56 3.28
C PHE B 171 -0.94 10.86 4.49
N SER B 172 -1.25 11.92 5.23
CA SER B 172 -0.52 12.32 6.47
C SER B 172 -1.59 12.74 7.47
N LYS B 173 -1.51 12.26 8.72
CA LYS B 173 -2.51 12.59 9.75
C LYS B 173 -2.44 14.01 10.27
N THR B 174 -1.30 14.64 10.19
CA THR B 174 -1.12 16.02 10.65
C THR B 174 -0.16 16.74 9.72
N SER B 175 -0.08 18.04 9.93
CA SER B 175 0.79 18.93 9.20
C SER B 175 2.08 19.14 10.03
N GLY B 176 2.18 18.51 11.19
CA GLY B 176 3.34 18.61 12.06
C GLY B 176 4.63 18.18 11.39
N THR B 177 5.69 18.91 11.62
CA THR B 177 7.01 18.66 11.04
C THR B 177 7.46 17.25 11.27
N MET B 178 7.33 16.78 12.50
CA MET B 178 7.71 15.41 12.88
C MET B 178 6.90 14.38 12.13
N THR B 179 5.57 14.60 12.04
CA THR B 179 4.66 13.67 11.34
C THR B 179 5.08 13.55 9.88
N LEU B 180 5.32 14.69 9.24
CA LEU B 180 5.72 14.74 7.83
C LEU B 180 7.02 14.06 7.56
N VAL B 181 8.02 14.27 8.44
CA VAL B 181 9.34 13.67 8.31
C VAL B 181 9.22 12.16 8.37
N VAL B 182 8.49 11.66 9.35
CA VAL B 182 8.25 10.23 9.56
C VAL B 182 7.55 9.64 8.34
N ASP B 183 6.49 10.28 7.87
CA ASP B 183 5.71 9.79 6.71
C ASP B 183 6.55 9.78 5.42
N ILE B 184 7.39 10.81 5.20
CA ILE B 184 8.30 10.91 4.04
C ILE B 184 9.22 9.68 4.06
N ILE B 185 9.83 9.39 5.24
CA ILE B 185 10.77 8.28 5.41
C ILE B 185 10.08 6.94 5.20
N MET B 186 8.91 6.74 5.85
CA MET B 186 8.14 5.50 5.76
C MET B 186 7.71 5.22 4.32
N ASP B 187 7.18 6.26 3.60
CA ASP B 187 6.76 6.07 2.21
C ASP B 187 7.97 5.80 1.32
N SER B 188 9.12 6.45 1.60
CA SER B 188 10.34 6.23 0.81
C SER B 188 10.77 4.77 0.99
N CYS B 189 10.75 4.24 2.23
CA CYS B 189 11.11 2.85 2.54
C CYS B 189 10.28 1.85 1.77
N ARG B 190 8.97 2.11 1.69
CA ARG B 190 8.04 1.26 0.99
C ARG B 190 8.42 1.12 -0.50
N GLU B 191 8.74 2.25 -1.15
CA GLU B 191 9.14 2.24 -2.57
C GLU B 191 10.59 1.68 -2.72
N ILE B 192 11.51 2.04 -1.81
CA ILE B 192 12.90 1.56 -1.88
C ILE B 192 12.95 0.03 -1.80
N ASN B 193 12.14 -0.56 -0.92
CA ASN B 193 12.09 -2.01 -0.75
C ASN B 193 11.71 -2.77 -2.00
N GLU B 194 10.97 -2.13 -2.93
CA GLU B 194 10.55 -2.74 -4.18
C GLU B 194 11.65 -2.65 -5.28
N LEU B 195 12.76 -1.94 -5.06
CA LEU B 195 13.82 -1.85 -6.06
C LEU B 195 14.44 -3.24 -6.21
N ASP B 196 14.84 -3.59 -7.42
CA ASP B 196 15.44 -4.89 -7.66
C ASP B 196 16.72 -5.06 -6.83
N SER B 197 16.91 -6.26 -6.27
CA SER B 197 18.05 -6.67 -5.45
C SER B 197 17.99 -6.22 -4.01
N VAL B 198 17.06 -5.32 -3.60
CA VAL B 198 16.98 -4.87 -2.22
C VAL B 198 16.50 -6.05 -1.35
N LEU B 199 17.20 -6.32 -0.22
CA LEU B 199 16.85 -7.39 0.71
C LEU B 199 15.88 -6.80 1.75
N TYR B 200 16.26 -5.67 2.35
CA TYR B 200 15.43 -5.01 3.34
C TYR B 200 15.84 -3.56 3.47
N THR B 201 14.95 -2.77 3.97
CA THR B 201 15.12 -1.33 4.12
C THR B 201 14.80 -0.89 5.53
N ILE B 202 15.72 -0.17 6.14
CA ILE B 202 15.55 0.31 7.50
C ILE B 202 15.33 1.80 7.62
N PRO B 203 14.20 2.26 8.16
CA PRO B 203 14.04 3.70 8.37
C PRO B 203 14.74 3.92 9.74
N ASN B 204 15.67 4.87 9.84
CA ASN B 204 16.39 5.12 11.12
C ASN B 204 15.60 6.07 11.96
N LEU B 205 14.52 5.57 12.53
CA LEU B 205 13.62 6.37 13.33
C LEU B 205 13.54 5.92 14.75
N LYS B 206 13.17 6.86 15.58
CA LYS B 206 12.96 6.67 17.01
C LYS B 206 12.01 7.77 17.46
N TYR B 207 11.56 7.71 18.70
CA TYR B 207 10.65 8.69 19.25
C TYR B 207 11.47 9.96 19.65
N PHE B 208 11.87 10.72 18.64
CA PHE B 208 12.66 11.96 18.78
C PHE B 208 11.97 12.98 19.69
N GLU B 209 10.62 13.04 19.63
CA GLU B 209 9.81 13.95 20.45
C GLU B 209 10.11 13.67 21.95
N GLY B 210 10.30 12.41 22.30
CA GLY B 210 10.63 12.01 23.66
C GLY B 210 11.92 12.62 24.16
N THR B 211 12.95 12.71 23.30
CA THR B 211 14.23 13.29 23.65
C THR B 211 14.06 14.78 24.01
N VAL B 212 13.20 15.47 23.29
CA VAL B 212 12.97 16.89 23.51
C VAL B 212 12.07 17.18 24.70
N PHE B 213 10.91 16.50 24.78
CA PHE B 213 9.93 16.74 25.86
C PHE B 213 10.01 15.87 27.10
N HIS B 214 10.43 14.61 27.01
CA HIS B 214 10.52 13.75 28.21
C HIS B 214 11.93 13.86 28.83
N GLU B 215 13.01 13.76 28.01
CA GLU B 215 14.39 13.86 28.50
C GLU B 215 14.83 15.32 28.58
N LYS B 216 14.02 16.27 28.00
CA LYS B 216 14.34 17.70 28.02
C LYS B 216 15.78 17.94 27.55
N ASN B 217 16.19 17.26 26.46
CA ASN B 217 17.55 17.36 25.92
C ASN B 217 17.58 17.71 24.43
N VAL B 218 17.57 19.02 24.14
CA VAL B 218 17.59 19.53 22.78
C VAL B 218 18.88 19.16 22.05
N LYS B 219 20.01 19.22 22.75
CA LYS B 219 21.31 18.89 22.18
C LYS B 219 21.33 17.46 21.67
N LYS B 220 20.87 16.51 22.48
CA LYS B 220 20.82 15.10 22.10
C LYS B 220 19.88 14.90 20.90
N PHE B 221 18.73 15.60 20.91
CA PHE B 221 17.74 15.53 19.82
C PHE B 221 18.42 15.97 18.52
N LEU B 222 19.12 17.10 18.53
CA LEU B 222 19.81 17.58 17.32
C LEU B 222 20.88 16.59 16.84
N THR B 223 21.58 15.93 17.77
CA THR B 223 22.59 14.92 17.43
C THR B 223 21.90 13.72 16.76
N GLU B 224 20.73 13.31 17.27
CA GLU B 224 19.94 12.19 16.71
C GLU B 224 19.47 12.47 15.26
N LEU B 225 19.28 13.76 14.88
CA LEU B 225 18.85 14.09 13.52
C LEU B 225 20.00 13.93 12.48
N ASN B 226 21.29 13.81 12.90
CA ASN B 226 22.44 13.64 11.98
C ASN B 226 22.50 12.25 11.33
N MET B 227 21.65 11.35 11.73
CA MET B 227 21.63 10.01 11.20
C MET B 227 21.06 10.00 9.79
N SER B 228 21.53 9.04 8.98
CA SER B 228 21.04 8.83 7.61
C SER B 228 19.59 8.49 7.81
N ALA B 229 18.72 9.01 6.94
CA ALA B 229 17.30 8.71 7.01
C ALA B 229 17.00 7.24 6.78
N ILE B 230 17.70 6.62 5.83
CA ILE B 230 17.46 5.21 5.51
C ILE B 230 18.75 4.42 5.31
N THR B 231 18.71 3.13 5.70
CA THR B 231 19.81 2.20 5.53
C THR B 231 19.22 1.06 4.71
N VAL B 232 19.90 0.67 3.65
CA VAL B 232 19.43 -0.37 2.78
C VAL B 232 20.42 -1.50 2.66
N SER B 233 19.91 -2.73 2.59
CA SER B 233 20.71 -3.93 2.41
C SER B 233 20.31 -4.41 1.00
N SER B 234 21.27 -4.59 0.08
CA SER B 234 20.93 -5.02 -1.27
C SER B 234 22.07 -5.77 -1.95
N ILE B 235 21.78 -6.48 -3.04
CA ILE B 235 22.82 -7.21 -3.76
C ILE B 235 23.53 -6.22 -4.73
N ASP B 236 22.76 -5.32 -5.35
CA ASP B 236 23.27 -4.34 -6.31
C ASP B 236 23.24 -2.92 -5.78
N HIS B 237 23.90 -1.97 -6.47
CA HIS B 237 23.94 -0.57 -6.06
C HIS B 237 22.57 0.04 -6.22
N VAL B 238 22.16 0.83 -5.22
CA VAL B 238 20.86 1.52 -5.17
C VAL B 238 21.09 2.96 -4.72
N GLU B 239 22.33 3.47 -4.75
CA GLU B 239 22.66 4.85 -4.29
C GLU B 239 21.78 5.94 -4.90
N TYR B 240 21.62 5.97 -6.23
CA TYR B 240 20.80 6.98 -6.88
C TYR B 240 19.30 6.91 -6.55
N GLU B 241 18.73 5.71 -6.65
CA GLU B 241 17.31 5.47 -6.40
C GLU B 241 16.99 5.82 -4.95
N LEU B 242 17.88 5.50 -4.02
CA LEU B 242 17.70 5.81 -2.62
C LEU B 242 17.46 7.34 -2.46
N GLU B 243 18.39 8.16 -2.93
CA GLU B 243 18.26 9.64 -2.83
C GLU B 243 17.13 10.17 -3.67
N GLU B 244 16.95 9.64 -4.87
CA GLU B 244 15.87 10.13 -5.72
C GLU B 244 14.47 9.88 -5.11
N ILE B 245 14.28 8.71 -4.49
CA ILE B 245 13.00 8.36 -3.83
C ILE B 245 12.74 9.28 -2.65
N LEU B 246 13.74 9.50 -1.77
CA LEU B 246 13.62 10.38 -0.61
C LEU B 246 13.39 11.78 -1.08
N SER B 247 14.09 12.22 -2.13
CA SER B 247 13.97 13.56 -2.72
C SER B 247 12.58 13.80 -3.26
N LYS B 248 12.06 12.83 -4.01
CA LYS B 248 10.72 12.84 -4.59
C LYS B 248 9.70 12.94 -3.43
N ASN B 249 9.85 12.16 -2.35
CA ASN B 249 8.92 12.24 -1.24
C ASN B 249 9.02 13.58 -0.49
N ILE B 250 10.18 14.22 -0.41
CA ILE B 250 10.33 15.51 0.25
C ILE B 250 9.64 16.56 -0.64
N SER B 251 9.80 16.47 -1.97
CA SER B 251 9.18 17.42 -2.93
C SER B 251 7.64 17.42 -2.86
N ARG B 252 7.01 16.32 -2.38
CA ARG B 252 5.55 16.26 -2.28
C ARG B 252 5.01 17.23 -1.20
N VAL B 253 5.83 17.67 -0.24
CA VAL B 253 5.41 18.57 0.82
C VAL B 253 5.06 19.92 0.22
N ASP B 254 3.84 20.38 0.48
CA ASP B 254 3.34 21.63 0.01
C ASP B 254 2.83 22.38 1.19
N SER B 255 3.39 23.56 1.45
CA SER B 255 2.99 24.39 2.56
C SER B 255 2.51 25.72 2.01
N PHE B 256 1.44 26.24 2.59
CA PHE B 256 0.89 27.52 2.15
C PHE B 256 0.01 28.09 3.23
N VAL B 257 -0.16 29.42 3.21
CA VAL B 257 -1.00 30.11 4.15
C VAL B 257 -2.30 30.45 3.38
N LYS B 258 -3.44 29.97 3.88
CA LYS B 258 -4.72 30.24 3.25
C LYS B 258 -5.24 31.50 3.94
N GLU B 259 -5.51 32.56 3.19
CA GLU B 259 -6.05 33.80 3.77
C GLU B 259 -7.54 33.63 4.12
N PHE B 260 -7.97 34.17 5.25
CA PHE B 260 -9.36 34.09 5.68
C PHE B 260 -10.03 35.43 5.43
N ASN C 2 -12.80 12.46 -24.84
CA ASN C 2 -11.87 13.52 -24.53
C ASN C 2 -12.25 14.24 -23.23
N TYR C 3 -13.49 14.76 -23.08
CA TYR C 3 -13.83 15.45 -21.83
C TYR C 3 -14.78 14.62 -21.02
N GLY C 4 -14.93 14.97 -19.74
CA GLY C 4 -15.82 14.27 -18.83
C GLY C 4 -17.15 14.98 -18.71
N ILE C 5 -17.50 15.41 -17.48
CA ILE C 5 -18.76 16.10 -17.18
C ILE C 5 -18.79 17.51 -17.80
N THR C 6 -17.63 18.18 -17.83
CA THR C 6 -17.46 19.50 -18.41
C THR C 6 -16.12 19.46 -19.13
N GLU C 7 -15.79 20.55 -19.82
CA GLU C 7 -14.53 20.68 -20.56
C GLU C 7 -13.32 20.92 -19.61
N SER C 8 -13.56 21.11 -18.30
CA SER C 8 -12.49 21.33 -17.31
C SER C 8 -11.84 20.00 -16.89
N VAL C 9 -12.49 18.86 -17.18
CA VAL C 9 -11.98 17.54 -16.83
C VAL C 9 -11.82 16.68 -18.07
N LYS C 10 -10.69 15.97 -18.18
CA LYS C 10 -10.39 15.10 -19.31
C LYS C 10 -10.64 13.67 -18.94
N THR C 11 -11.05 12.87 -19.91
CA THR C 11 -11.30 11.43 -19.75
C THR C 11 -10.30 10.78 -20.68
N THR C 12 -9.41 9.94 -20.17
CA THR C 12 -8.39 9.25 -20.95
C THR C 12 -8.51 7.76 -20.82
N ARG C 13 -8.61 7.05 -21.93
CA ARG C 13 -8.71 5.60 -21.94
C ARG C 13 -7.36 5.11 -22.38
N SER C 14 -6.75 4.13 -21.65
CA SER C 14 -5.44 3.62 -22.01
C SER C 14 -5.45 2.97 -23.38
N LYS C 15 -4.36 3.14 -24.12
CA LYS C 15 -4.19 2.56 -25.45
C LYS C 15 -3.99 1.06 -25.22
N ILE C 16 -3.34 0.68 -24.12
CA ILE C 16 -3.12 -0.72 -23.77
C ILE C 16 -4.50 -1.28 -23.40
N LYS C 17 -4.84 -2.37 -24.04
CA LYS C 17 -6.10 -3.04 -23.80
C LYS C 17 -5.84 -4.27 -22.92
N ILE C 18 -6.88 -4.82 -22.37
CA ILE C 18 -6.80 -6.00 -21.52
C ILE C 18 -6.19 -7.16 -22.33
N LYS C 19 -6.61 -7.36 -23.59
CA LYS C 19 -6.08 -8.41 -24.47
C LYS C 19 -4.56 -8.28 -24.65
N ASP C 20 -4.05 -7.03 -24.69
CA ASP C 20 -2.61 -6.78 -24.84
C ASP C 20 -1.85 -7.27 -23.59
N ILE C 21 -2.45 -7.12 -22.39
CA ILE C 21 -1.83 -7.56 -21.14
C ILE C 21 -1.87 -9.10 -21.15
N VAL C 22 -3.02 -9.68 -21.52
CA VAL C 22 -3.19 -11.14 -21.59
C VAL C 22 -2.15 -11.71 -22.55
N SER C 23 -2.03 -11.14 -23.75
CA SER C 23 -1.06 -11.58 -24.76
C SER C 23 0.37 -11.56 -24.26
N ASP C 24 0.76 -10.48 -23.57
CA ASP C 24 2.12 -10.36 -23.02
C ASP C 24 2.42 -11.46 -22.00
N VAL C 25 1.47 -11.74 -21.12
CA VAL C 25 1.63 -12.78 -20.11
C VAL C 25 1.71 -14.18 -20.76
N VAL C 26 0.76 -14.52 -21.67
CA VAL C 26 0.77 -15.84 -22.32
C VAL C 26 2.05 -16.02 -23.18
N GLU C 27 2.53 -14.93 -23.84
CA GLU C 27 3.74 -15.00 -24.64
C GLU C 27 4.95 -15.27 -23.72
N LYS C 28 4.99 -14.63 -22.53
CA LYS C 28 6.09 -14.87 -21.57
C LYS C 28 6.09 -16.32 -21.13
N LYS C 29 4.90 -16.91 -20.89
CA LYS C 29 4.81 -18.32 -20.48
C LYS C 29 5.23 -19.21 -21.63
N ALA C 30 4.79 -18.91 -22.86
CA ALA C 30 5.17 -19.72 -24.03
C ALA C 30 6.68 -19.64 -24.27
N ASN C 31 7.27 -18.46 -24.10
CA ASN C 31 8.70 -18.28 -24.29
C ASN C 31 9.51 -19.02 -23.23
N ALA C 32 8.99 -19.09 -21.99
CA ALA C 32 9.65 -19.81 -20.89
C ALA C 32 9.76 -21.29 -21.29
N ILE C 33 8.66 -21.86 -21.78
CA ILE C 33 8.60 -23.26 -22.23
C ILE C 33 9.58 -23.45 -23.43
N LYS C 34 9.56 -22.54 -24.39
CA LYS C 34 10.44 -22.62 -25.57
C LYS C 34 11.91 -22.65 -25.15
N TYR C 35 12.33 -21.74 -24.26
CA TYR C 35 13.69 -21.66 -23.74
C TYR C 35 14.08 -22.99 -23.09
N PHE C 36 13.19 -23.52 -22.24
CA PHE C 36 13.39 -24.77 -21.55
C PHE C 36 13.51 -25.96 -22.51
N LEU C 37 12.73 -25.98 -23.61
CA LEU C 37 12.79 -27.08 -24.57
C LEU C 37 14.08 -27.11 -25.42
N GLU C 38 14.84 -25.99 -25.49
CA GLU C 38 16.11 -25.88 -26.20
C GLU C 38 16.08 -26.37 -27.65
N GLY C 39 14.99 -26.07 -28.36
CA GLY C 39 14.80 -26.46 -29.75
C GLY C 39 14.57 -27.94 -30.01
N GLU C 40 14.27 -28.73 -28.98
CA GLU C 40 14.03 -30.17 -29.16
C GLU C 40 12.74 -30.37 -29.95
N GLU C 41 12.73 -31.38 -30.85
CA GLU C 41 11.56 -31.70 -31.67
C GLU C 41 10.86 -32.89 -31.06
N PHE C 42 9.52 -32.93 -31.19
CA PHE C 42 8.69 -33.99 -30.63
C PHE C 42 7.68 -34.53 -31.64
N LYS C 43 7.36 -35.80 -31.53
CA LYS C 43 6.41 -36.48 -32.37
C LYS C 43 4.98 -36.07 -31.96
N GLN C 44 4.68 -36.08 -30.65
CA GLN C 44 3.34 -35.74 -30.15
C GLN C 44 3.37 -35.03 -28.80
N ALA C 45 2.75 -33.86 -28.74
CA ALA C 45 2.67 -33.06 -27.54
C ALA C 45 1.23 -33.02 -27.05
N ILE C 46 1.01 -33.20 -25.75
CA ILE C 46 -0.31 -33.16 -25.12
C ILE C 46 -0.24 -32.00 -24.11
N VAL C 47 -1.16 -31.03 -24.23
CA VAL C 47 -1.25 -29.86 -23.38
C VAL C 47 -2.58 -29.90 -22.65
N PHE C 48 -2.58 -30.02 -21.30
CA PHE C 48 -3.82 -30.06 -20.49
C PHE C 48 -4.16 -28.64 -20.05
N GLY C 49 -5.37 -28.18 -20.35
CA GLY C 49 -5.81 -26.84 -19.97
C GLY C 49 -5.71 -25.85 -21.11
N ALA C 50 -6.83 -25.60 -21.78
CA ALA C 50 -6.89 -24.66 -22.91
C ALA C 50 -6.91 -23.21 -22.43
N TYR C 51 -7.63 -22.93 -21.34
CA TYR C 51 -7.75 -21.59 -20.80
C TYR C 51 -6.67 -21.37 -19.72
N LEU C 52 -6.01 -20.19 -19.65
CA LEU C 52 -6.11 -19.06 -20.55
C LEU C 52 -4.86 -19.01 -21.45
N SER C 53 -3.71 -19.46 -20.93
CA SER C 53 -2.44 -19.48 -21.70
C SER C 53 -2.26 -20.74 -22.59
N GLY C 54 -2.97 -21.82 -22.29
CA GLY C 54 -2.85 -23.06 -23.05
C GLY C 54 -3.00 -22.96 -24.55
N SER C 55 -3.93 -22.13 -25.01
CA SER C 55 -4.20 -21.92 -26.42
C SER C 55 -2.94 -21.44 -27.17
N TYR C 56 -2.32 -20.34 -26.68
CA TYR C 56 -1.13 -19.80 -27.31
C TYR C 56 0.08 -20.74 -27.11
N ILE C 57 0.17 -21.42 -25.96
CA ILE C 57 1.27 -22.33 -25.70
C ILE C 57 1.22 -23.46 -26.73
N ALA C 58 0.03 -24.05 -26.96
CA ALA C 58 -0.15 -25.14 -27.95
C ALA C 58 0.22 -24.65 -29.33
N TYR C 59 -0.16 -23.41 -29.68
CA TYR C 59 0.14 -22.81 -30.97
C TYR C 59 1.68 -22.73 -31.16
N SER C 60 2.41 -22.25 -30.13
CA SER C 60 3.87 -22.12 -30.15
C SER C 60 4.63 -23.46 -30.29
N LEU C 61 3.99 -24.60 -30.01
CA LEU C 61 4.61 -25.91 -30.13
C LEU C 61 4.43 -26.51 -31.53
N LEU C 62 3.58 -25.93 -32.40
CA LEU C 62 3.36 -26.44 -33.75
C LEU C 62 4.63 -26.54 -34.60
N LYS C 63 5.57 -25.59 -34.43
CA LYS C 63 6.82 -25.56 -35.18
C LYS C 63 7.70 -26.79 -34.91
N ASP C 64 7.96 -27.11 -33.64
CA ASP C 64 8.82 -28.24 -33.25
C ASP C 64 8.06 -29.53 -32.93
N CYS C 65 6.73 -29.55 -33.02
CA CYS C 65 5.96 -30.77 -32.73
C CYS C 65 5.18 -31.19 -33.96
N GLU C 66 5.26 -32.49 -34.33
CA GLU C 66 4.54 -33.03 -35.48
C GLU C 66 3.03 -32.97 -35.22
N GLU C 67 2.63 -33.23 -33.96
CA GLU C 67 1.22 -33.20 -33.56
C GLU C 67 1.08 -32.55 -32.16
N VAL C 68 0.14 -31.60 -32.02
CA VAL C 68 -0.13 -30.90 -30.78
C VAL C 68 -1.60 -31.12 -30.48
N ILE C 69 -1.90 -31.66 -29.29
CA ILE C 69 -3.26 -31.94 -28.85
C ILE C 69 -3.53 -31.18 -27.58
N ILE C 70 -4.65 -30.44 -27.51
CA ILE C 70 -5.03 -29.70 -26.31
C ILE C 70 -6.08 -30.56 -25.67
N VAL C 71 -5.98 -30.77 -24.35
CA VAL C 71 -6.99 -31.56 -23.64
C VAL C 71 -7.63 -30.64 -22.62
N ASP C 72 -8.96 -30.60 -22.58
CA ASP C 72 -9.69 -29.80 -21.62
C ASP C 72 -10.94 -30.55 -21.16
N ILE C 73 -11.26 -30.43 -19.88
CA ILE C 73 -12.43 -31.07 -19.26
C ILE C 73 -13.73 -30.43 -19.82
N GLN C 74 -13.66 -29.15 -20.29
CA GLN C 74 -14.78 -28.40 -20.87
C GLN C 74 -14.75 -28.49 -22.41
N PRO C 75 -15.65 -29.26 -23.07
CA PRO C 75 -15.62 -29.34 -24.54
C PRO C 75 -15.75 -28.01 -25.30
N HIS C 76 -16.53 -27.04 -24.77
CA HIS C 76 -16.71 -25.74 -25.43
C HIS C 76 -15.39 -24.92 -25.55
N LEU C 77 -14.34 -25.29 -24.78
CA LEU C 77 -13.06 -24.58 -24.85
C LEU C 77 -12.30 -24.85 -26.15
N LYS C 78 -12.84 -25.67 -27.07
CA LYS C 78 -12.23 -25.92 -28.36
C LYS C 78 -12.31 -24.55 -29.11
N ASP C 79 -13.32 -23.72 -28.77
CA ASP C 79 -13.54 -22.38 -29.35
C ASP C 79 -12.40 -21.38 -29.01
N ILE C 80 -11.60 -21.61 -27.94
CA ILE C 80 -10.49 -20.70 -27.57
C ILE C 80 -9.22 -21.02 -28.40
N LEU C 81 -9.21 -22.11 -29.18
CA LEU C 81 -8.06 -22.46 -30.03
C LEU C 81 -8.21 -21.60 -31.29
N PHE C 82 -7.11 -20.96 -31.73
CA PHE C 82 -7.14 -20.08 -32.91
C PHE C 82 -6.38 -20.64 -34.13
N ASN C 83 -5.98 -21.93 -34.10
CA ASN C 83 -5.27 -22.58 -35.21
C ASN C 83 -5.79 -24.00 -35.40
N ASP C 84 -6.16 -24.37 -36.65
CA ASP C 84 -6.68 -25.72 -36.97
C ASP C 84 -5.64 -26.83 -36.82
N GLY C 85 -4.34 -26.47 -36.79
CA GLY C 85 -3.26 -27.45 -36.62
C GLY C 85 -3.28 -28.05 -35.21
N ILE C 86 -3.95 -27.38 -34.26
CA ILE C 86 -4.04 -27.86 -32.89
C ILE C 86 -5.24 -28.77 -32.78
N LYS C 87 -5.04 -30.02 -32.35
CA LYS C 87 -6.14 -30.98 -32.19
C LYS C 87 -6.72 -30.77 -30.78
N PHE C 88 -8.02 -31.00 -30.63
CA PHE C 88 -8.69 -30.86 -29.35
C PHE C 88 -9.34 -32.18 -28.96
N MET C 89 -9.26 -32.52 -27.67
CA MET C 89 -9.84 -33.74 -27.12
C MET C 89 -10.40 -33.41 -25.74
N ASP C 90 -11.65 -33.76 -25.45
CA ASP C 90 -12.14 -33.44 -24.10
C ASP C 90 -11.51 -34.50 -23.15
N LEU C 91 -11.47 -34.24 -21.85
CA LEU C 91 -10.87 -35.18 -20.88
C LEU C 91 -11.40 -36.64 -21.01
N ASN C 92 -12.74 -36.84 -21.16
CA ASN C 92 -13.36 -38.18 -21.30
C ASN C 92 -12.89 -38.90 -22.56
N LYS C 93 -12.69 -38.15 -23.64
CA LYS C 93 -12.23 -38.71 -24.92
C LYS C 93 -10.76 -39.18 -24.77
N LEU C 94 -9.93 -38.39 -24.06
CA LEU C 94 -8.52 -38.75 -23.85
C LEU C 94 -8.45 -40.02 -23.00
N GLN C 95 -9.22 -40.07 -21.91
CA GLN C 95 -9.27 -41.23 -21.01
C GLN C 95 -9.72 -42.50 -21.75
N LEU C 96 -10.67 -42.37 -22.67
CA LEU C 96 -11.20 -43.49 -23.49
C LEU C 96 -10.12 -43.98 -24.43
N GLU C 97 -9.50 -43.06 -25.18
CA GLU C 97 -8.44 -43.38 -26.14
C GLU C 97 -7.18 -43.97 -25.49
N LEU C 98 -6.94 -43.68 -24.19
CA LEU C 98 -5.79 -44.21 -23.47
C LEU C 98 -6.02 -45.70 -23.16
N ARG C 99 -7.25 -46.05 -22.71
CA ARG C 99 -7.61 -47.44 -22.38
C ARG C 99 -7.66 -48.33 -23.61
N ASN C 100 -8.46 -47.92 -24.61
CA ASN C 100 -8.65 -48.65 -25.86
C ASN C 100 -8.05 -47.89 -27.05
N GLY C 101 -6.73 -48.02 -27.21
CA GLY C 101 -6.02 -47.36 -28.29
C GLY C 101 -4.53 -47.18 -28.02
N THR C 102 -3.77 -47.01 -29.12
CA THR C 102 -2.32 -46.78 -29.10
C THR C 102 -1.96 -45.44 -29.77
N SER C 103 -2.96 -44.65 -30.23
CA SER C 103 -2.75 -43.35 -30.87
C SER C 103 -2.15 -42.30 -29.94
N ILE C 104 -2.33 -42.46 -28.61
CA ILE C 104 -1.80 -41.53 -27.60
C ILE C 104 -0.59 -42.10 -26.87
N ASN C 105 0.58 -41.51 -27.13
CA ASN C 105 1.85 -41.88 -26.52
C ASN C 105 2.74 -40.65 -26.73
N PRO C 106 2.44 -39.54 -26.02
CA PRO C 106 3.24 -38.34 -26.22
C PRO C 106 4.63 -38.35 -25.62
N ASP C 107 5.54 -37.67 -26.34
CA ASP C 107 6.92 -37.51 -25.92
C ASP C 107 7.03 -36.13 -25.17
N LEU C 108 5.97 -35.30 -25.21
CA LEU C 108 5.96 -34.01 -24.52
C LEU C 108 4.62 -33.83 -23.83
N VAL C 109 4.58 -33.74 -22.51
CA VAL C 109 3.34 -33.56 -21.76
C VAL C 109 3.48 -32.23 -21.00
N ILE C 110 2.48 -31.37 -21.14
CA ILE C 110 2.46 -30.06 -20.48
C ILE C 110 1.15 -29.95 -19.70
N ASP C 111 1.23 -29.84 -18.37
CA ASP C 111 0.02 -29.70 -17.54
C ASP C 111 -0.14 -28.23 -17.09
N LEU C 112 -1.15 -27.53 -17.60
CA LEU C 112 -1.41 -26.14 -17.25
C LEU C 112 -2.73 -25.98 -16.46
N THR C 113 -3.30 -27.07 -15.95
CA THR C 113 -4.58 -26.99 -15.23
C THR C 113 -4.53 -26.37 -13.84
N GLY C 114 -3.42 -26.49 -13.15
CA GLY C 114 -3.27 -25.92 -11.82
C GLY C 114 -4.24 -26.43 -10.76
N ILE C 115 -4.77 -25.51 -9.94
CA ILE C 115 -5.69 -25.81 -8.82
C ILE C 115 -6.90 -26.65 -9.22
N GLY C 116 -7.05 -27.79 -8.56
CA GLY C 116 -8.15 -28.73 -8.80
C GLY C 116 -8.17 -29.32 -10.18
N GLY C 117 -7.04 -29.27 -10.86
CA GLY C 117 -6.89 -29.77 -12.21
C GLY C 117 -6.60 -31.24 -12.35
N VAL C 118 -5.70 -31.57 -13.28
CA VAL C 118 -5.28 -32.93 -13.61
C VAL C 118 -4.72 -33.67 -12.40
N SER C 119 -5.13 -34.95 -12.25
CA SER C 119 -4.65 -35.76 -11.14
C SER C 119 -3.29 -36.35 -11.48
N PRO C 120 -2.44 -36.59 -10.46
CA PRO C 120 -1.14 -37.22 -10.73
C PRO C 120 -1.34 -38.63 -11.33
N ASP C 121 -2.46 -39.31 -11.00
CA ASP C 121 -2.78 -40.64 -11.53
C ASP C 121 -2.89 -40.62 -13.06
N LEU C 122 -3.53 -39.58 -13.64
CA LEU C 122 -3.64 -39.49 -15.09
C LEU C 122 -2.24 -39.23 -15.69
N ILE C 123 -1.46 -38.30 -15.08
CA ILE C 123 -0.12 -37.98 -15.55
C ILE C 123 0.79 -39.23 -15.56
N SER C 124 0.67 -40.09 -14.52
CA SER C 124 1.46 -41.32 -14.40
C SER C 124 1.25 -42.33 -15.55
N LYS C 125 0.13 -42.22 -16.30
CA LYS C 125 -0.16 -43.12 -17.42
C LYS C 125 0.71 -42.82 -18.65
N PHE C 126 1.39 -41.67 -18.70
CA PHE C 126 2.26 -41.28 -19.83
C PHE C 126 3.72 -41.61 -19.50
N ASN C 127 4.56 -41.63 -20.54
CA ASN C 127 6.00 -41.88 -20.44
C ASN C 127 6.69 -40.97 -21.45
N PRO C 128 6.64 -39.64 -21.25
CA PRO C 128 7.27 -38.74 -22.20
C PRO C 128 8.75 -38.51 -22.00
N LYS C 129 9.35 -37.82 -22.96
CA LYS C 129 10.76 -37.45 -22.88
C LYS C 129 10.81 -36.22 -21.94
N VAL C 130 9.81 -35.31 -22.07
CA VAL C 130 9.73 -34.08 -21.25
C VAL C 130 8.35 -33.89 -20.63
N LEU C 131 8.32 -33.52 -19.36
CA LEU C 131 7.10 -33.25 -18.62
C LEU C 131 7.23 -31.86 -18.04
N ILE C 132 6.24 -31.00 -18.28
CA ILE C 132 6.23 -29.63 -17.75
C ILE C 132 4.91 -29.51 -17.00
N VAL C 133 4.96 -29.10 -15.75
CA VAL C 133 3.78 -28.90 -14.92
C VAL C 133 3.80 -27.44 -14.51
N GLU C 134 2.69 -26.74 -14.68
CA GLU C 134 2.62 -25.32 -14.29
C GLU C 134 2.28 -25.27 -12.81
N ASP C 135 3.06 -24.52 -12.05
CA ASP C 135 2.85 -24.37 -10.61
C ASP C 135 1.85 -23.22 -10.49
N PRO C 136 0.63 -23.43 -9.98
CA PRO C 136 -0.34 -22.32 -9.88
C PRO C 136 -0.03 -21.36 -8.75
N LYS C 137 0.85 -21.74 -7.81
CA LYS C 137 1.19 -20.89 -6.68
C LYS C 137 1.95 -19.66 -7.10
N GLY C 138 1.62 -18.55 -6.47
CA GLY C 138 2.27 -17.28 -6.69
C GLY C 138 3.06 -17.09 -5.41
N ASN C 139 2.84 -15.98 -4.74
CA ASN C 139 3.52 -15.71 -3.48
C ASN C 139 2.81 -16.51 -2.36
N HIS C 140 3.43 -16.59 -1.19
CA HIS C 140 2.87 -17.38 -0.10
C HIS C 140 1.49 -17.07 0.45
N ASP C 141 0.66 -18.11 0.48
CA ASP C 141 -0.71 -18.12 1.01
C ASP C 141 -0.96 -19.56 1.50
N LYS C 142 -1.26 -19.73 2.78
CA LYS C 142 -1.50 -21.05 3.39
C LYS C 142 -2.60 -21.86 2.72
N GLY C 143 -3.75 -21.23 2.46
CA GLY C 143 -4.90 -21.87 1.82
C GLY C 143 -4.57 -22.40 0.44
N ILE C 144 -3.86 -21.61 -0.35
CA ILE C 144 -3.47 -22.02 -1.72
C ILE C 144 -2.41 -23.14 -1.68
N SER C 145 -1.43 -23.03 -0.79
CA SER C 145 -0.37 -24.05 -0.66
C SER C 145 -0.94 -25.42 -0.26
N LYS C 146 -1.94 -25.42 0.61
CA LYS C 146 -2.57 -26.65 1.08
C LYS C 146 -3.26 -27.43 -0.05
N ILE C 147 -4.00 -26.73 -0.94
CA ILE C 147 -4.71 -27.39 -2.04
C ILE C 147 -3.79 -27.76 -3.22
N ASP C 148 -2.64 -27.10 -3.35
CA ASP C 148 -1.68 -27.35 -4.42
C ASP C 148 -0.96 -28.71 -4.30
N ASN C 149 -0.85 -29.46 -5.42
CA ASN C 149 -0.17 -30.76 -5.46
C ASN C 149 0.79 -30.87 -6.66
N THR C 150 1.38 -29.74 -7.09
CA THR C 150 2.30 -29.67 -8.21
C THR C 150 3.42 -30.72 -8.13
N ASP C 151 4.04 -30.86 -6.96
CA ASP C 151 5.13 -31.83 -6.76
C ASP C 151 4.70 -33.27 -7.04
N LYS C 152 3.47 -33.65 -6.65
CA LYS C 152 2.94 -35.00 -6.90
C LYS C 152 2.68 -35.22 -8.40
N ARG C 153 2.42 -34.16 -9.17
CA ARG C 153 2.16 -34.24 -10.61
C ARG C 153 3.45 -34.51 -11.40
N LEU C 154 4.64 -34.17 -10.86
CA LEU C 154 5.93 -34.40 -11.54
C LEU C 154 6.37 -35.82 -11.26
N CYS C 155 5.64 -36.79 -11.77
CA CYS C 155 5.90 -38.21 -11.54
C CYS C 155 6.42 -38.99 -12.75
N VAL C 156 6.54 -38.35 -13.94
CA VAL C 156 7.04 -39.01 -15.15
C VAL C 156 7.92 -38.06 -15.94
N GLY C 157 8.56 -38.58 -16.98
CA GLY C 157 9.44 -37.83 -17.85
C GLY C 157 10.92 -37.95 -17.57
N ALA C 158 11.74 -38.07 -18.63
CA ALA C 158 13.20 -38.16 -18.48
C ALA C 158 13.72 -36.80 -18.01
N LYS C 159 13.10 -35.72 -18.52
CA LYS C 159 13.42 -34.34 -18.17
C LYS C 159 12.13 -33.76 -17.61
N LYS C 160 12.18 -33.15 -16.43
CA LYS C 160 11.00 -32.57 -15.77
C LYS C 160 11.22 -31.12 -15.47
N GLY C 161 10.16 -30.32 -15.61
CA GLY C 161 10.23 -28.90 -15.34
C GLY C 161 8.95 -28.35 -14.75
N VAL C 162 9.09 -27.27 -13.97
CA VAL C 162 7.97 -26.60 -13.33
C VAL C 162 7.91 -25.20 -13.86
N LEU C 163 6.80 -24.84 -14.51
CA LEU C 163 6.62 -23.50 -15.07
C LEU C 163 6.16 -22.61 -13.95
N LYS C 164 6.96 -21.58 -13.64
CA LYS C 164 6.68 -20.61 -12.59
C LYS C 164 6.58 -19.24 -13.18
N THR C 165 5.63 -18.45 -12.65
CA THR C 165 5.40 -17.10 -13.12
C THR C 165 5.08 -16.21 -11.95
N TYR C 166 5.85 -15.13 -11.80
CA TYR C 166 5.71 -14.16 -10.71
C TYR C 166 5.88 -12.77 -11.22
N ARG C 167 5.58 -11.80 -10.35
CA ARG C 167 5.74 -10.38 -10.62
C ARG C 167 6.91 -9.93 -9.73
N SER C 168 8.01 -9.44 -10.31
CA SER C 168 9.16 -9.01 -9.51
C SER C 168 8.74 -7.87 -8.59
N SER C 169 9.14 -7.95 -7.30
CA SER C 169 8.84 -6.93 -6.28
C SER C 169 7.37 -6.67 -6.00
N LYS C 170 6.44 -7.51 -6.49
CA LYS C 170 5.01 -7.31 -6.25
C LYS C 170 4.37 -8.62 -5.81
N PHE C 171 3.34 -8.51 -5.02
CA PHE C 171 2.64 -9.67 -4.50
C PHE C 171 1.48 -10.12 -5.41
N SER C 172 1.38 -11.44 -5.69
CA SER C 172 0.31 -12.05 -6.49
C SER C 172 0.05 -13.39 -5.85
N LYS C 173 -1.21 -13.74 -5.68
CA LYS C 173 -1.59 -15.00 -5.05
C LYS C 173 -1.38 -16.21 -5.90
N THR C 174 -1.39 -16.07 -7.23
CA THR C 174 -1.20 -17.19 -8.15
C THR C 174 -0.40 -16.73 -9.35
N SER C 175 0.00 -17.70 -10.14
CA SER C 175 0.75 -17.50 -11.38
C SER C 175 -0.25 -17.51 -12.56
N GLY C 176 -1.53 -17.65 -12.27
CA GLY C 176 -2.56 -17.65 -13.29
C GLY C 176 -2.58 -16.39 -14.12
N THR C 177 -2.80 -16.55 -15.42
CA THR C 177 -2.86 -15.46 -16.39
C THR C 177 -3.84 -14.41 -15.96
N MET C 178 -5.06 -14.83 -15.60
CA MET C 178 -6.11 -13.92 -15.14
C MET C 178 -5.69 -13.17 -13.89
N THR C 179 -5.10 -13.88 -12.89
CA THR C 179 -4.65 -13.28 -11.63
C THR C 179 -3.63 -12.18 -11.89
N LEU C 180 -2.61 -12.51 -12.71
CA LEU C 180 -1.57 -11.56 -13.04
C LEU C 180 -2.08 -10.34 -13.77
N VAL C 181 -3.01 -10.52 -14.74
CA VAL C 181 -3.59 -9.43 -15.51
C VAL C 181 -4.32 -8.48 -14.58
N VAL C 182 -5.14 -9.03 -13.70
CA VAL C 182 -5.90 -8.25 -12.72
C VAL C 182 -4.93 -7.49 -11.80
N ASP C 183 -3.91 -8.18 -11.29
CA ASP C 183 -2.93 -7.57 -10.41
C ASP C 183 -2.14 -6.47 -11.09
N ILE C 184 -1.76 -6.62 -12.35
CA ILE C 184 -1.03 -5.59 -13.14
C ILE C 184 -1.91 -4.33 -13.24
N ILE C 185 -3.20 -4.52 -13.56
CA ILE C 185 -4.16 -3.42 -13.71
C ILE C 185 -4.40 -2.71 -12.39
N MET C 186 -4.66 -3.47 -11.33
CA MET C 186 -4.91 -2.94 -9.99
C MET C 186 -3.71 -2.14 -9.48
N ASP C 187 -2.48 -2.67 -9.63
CA ASP C 187 -1.27 -1.96 -9.19
C ASP C 187 -1.04 -0.71 -10.04
N SER C 188 -1.33 -0.79 -11.33
CA SER C 188 -1.18 0.37 -12.23
C SER C 188 -2.15 1.48 -11.77
N CYS C 189 -3.40 1.13 -11.46
CA CYS C 189 -4.42 2.08 -10.96
C CYS C 189 -3.98 2.82 -9.73
N ARG C 190 -3.36 2.13 -8.79
CA ARG C 190 -2.87 2.71 -7.54
C ARG C 190 -1.85 3.79 -7.83
N GLU C 191 -0.86 3.49 -8.70
CA GLU C 191 0.16 4.46 -9.06
C GLU C 191 -0.43 5.58 -9.93
N ILE C 192 -1.31 5.27 -10.88
CA ILE C 192 -1.95 6.27 -11.76
C ILE C 192 -2.74 7.29 -10.95
N ASN C 193 -3.48 6.81 -9.93
CA ASN C 193 -4.28 7.68 -9.08
C ASN C 193 -3.46 8.74 -8.33
N GLU C 194 -2.16 8.48 -8.08
CA GLU C 194 -1.27 9.41 -7.40
C GLU C 194 -0.70 10.49 -8.36
N LEU C 195 -0.91 10.38 -9.68
CA LEU C 195 -0.37 11.39 -10.61
C LEU C 195 -1.08 12.71 -10.33
N ASP C 196 -0.37 13.80 -10.45
CA ASP C 196 -0.96 15.11 -10.20
C ASP C 196 -2.12 15.35 -11.19
N SER C 197 -3.20 15.94 -10.67
CA SER C 197 -4.42 16.30 -11.40
C SER C 197 -5.40 15.13 -11.63
N VAL C 198 -5.03 13.86 -11.34
CA VAL C 198 -5.96 12.74 -11.50
C VAL C 198 -7.08 12.82 -10.42
N LEU C 199 -8.34 12.68 -10.83
CA LEU C 199 -9.51 12.72 -9.94
C LEU C 199 -9.78 11.31 -9.46
N TYR C 200 -9.90 10.38 -10.42
CA TYR C 200 -10.14 8.99 -10.11
C TYR C 200 -9.69 8.12 -11.27
N THR C 201 -9.46 6.87 -10.96
CA THR C 201 -8.98 5.88 -11.93
C THR C 201 -9.82 4.66 -11.90
N ILE C 202 -10.29 4.24 -13.07
CA ILE C 202 -11.14 3.07 -13.20
C ILE C 202 -10.46 1.89 -13.87
N PRO C 203 -10.34 0.74 -13.18
CA PRO C 203 -9.79 -0.44 -13.86
C PRO C 203 -11.03 -1.03 -14.57
N ASN C 204 -10.97 -1.30 -15.86
CA ASN C 204 -12.13 -1.85 -16.61
C ASN C 204 -12.13 -3.35 -16.49
N LEU C 205 -12.51 -3.82 -15.30
CA LEU C 205 -12.53 -5.23 -15.00
C LEU C 205 -13.90 -5.74 -14.69
N LYS C 206 -14.04 -7.03 -14.88
CA LYS C 206 -15.25 -7.78 -14.61
C LYS C 206 -14.81 -9.24 -14.43
N TYR C 207 -15.73 -10.09 -14.01
CA TYR C 207 -15.45 -11.51 -13.80
C TYR C 207 -15.47 -12.22 -15.19
N PHE C 208 -14.38 -12.00 -15.96
CA PHE C 208 -14.19 -12.55 -17.29
C PHE C 208 -14.26 -14.09 -17.29
N GLU C 209 -13.76 -14.73 -16.22
CA GLU C 209 -13.77 -16.18 -16.06
C GLU C 209 -15.24 -16.69 -16.15
N GLY C 210 -16.19 -15.92 -15.60
CA GLY C 210 -17.61 -16.26 -15.63
C GLY C 210 -18.15 -16.35 -17.06
N THR C 211 -17.70 -15.45 -17.95
CA THR C 211 -18.13 -15.46 -19.35
C THR C 211 -17.69 -16.76 -20.04
N VAL C 212 -16.49 -17.24 -19.71
CA VAL C 212 -15.97 -18.45 -20.30
C VAL C 212 -16.54 -19.73 -19.71
N PHE C 213 -16.55 -19.90 -18.38
CA PHE C 213 -17.00 -21.12 -17.73
C PHE C 213 -18.48 -21.17 -17.29
N HIS C 214 -19.17 -20.05 -17.05
CA HIS C 214 -20.57 -20.06 -16.62
C HIS C 214 -21.48 -19.79 -17.81
N GLU C 215 -21.15 -18.76 -18.61
CA GLU C 215 -21.95 -18.44 -19.79
C GLU C 215 -21.47 -19.32 -20.97
N LYS C 216 -20.32 -20.02 -20.83
CA LYS C 216 -19.77 -20.88 -21.89
C LYS C 216 -19.71 -20.13 -23.23
N ASN C 217 -19.25 -18.86 -23.18
CA ASN C 217 -19.16 -17.98 -24.36
C ASN C 217 -17.78 -17.41 -24.59
N VAL C 218 -16.94 -18.15 -25.31
CA VAL C 218 -15.56 -17.74 -25.60
C VAL C 218 -15.53 -16.48 -26.45
N LYS C 219 -16.43 -16.39 -27.42
CA LYS C 219 -16.52 -15.24 -28.33
C LYS C 219 -16.75 -13.96 -27.55
N LYS C 220 -17.72 -13.97 -26.63
CA LYS C 220 -18.03 -12.79 -25.81
C LYS C 220 -16.85 -12.43 -24.92
N PHE C 221 -16.18 -13.45 -24.36
CA PHE C 221 -15.01 -13.26 -23.50
C PHE C 221 -13.91 -12.52 -24.30
N LEU C 222 -13.62 -12.98 -25.51
CA LEU C 222 -12.60 -12.34 -26.35
C LEU C 222 -12.99 -10.88 -26.68
N THR C 223 -14.29 -10.62 -26.90
CA THR C 223 -14.78 -9.27 -27.17
C THR C 223 -14.56 -8.38 -25.93
N GLU C 224 -14.82 -8.93 -24.72
CA GLU C 224 -14.63 -8.20 -23.46
C GLU C 224 -13.16 -7.80 -23.21
N LEU C 225 -12.22 -8.58 -23.73
CA LEU C 225 -10.80 -8.27 -23.55
C LEU C 225 -10.36 -7.08 -24.44
N ASN C 226 -11.17 -6.69 -25.43
CA ASN C 226 -10.90 -5.57 -26.35
C ASN C 226 -11.04 -4.17 -25.71
N MET C 227 -11.41 -4.08 -24.46
CA MET C 227 -11.56 -2.83 -23.72
C MET C 227 -10.19 -2.29 -23.24
N SER C 228 -10.07 -0.96 -23.14
CA SER C 228 -8.90 -0.27 -22.60
C SER C 228 -8.77 -0.81 -21.16
N ALA C 229 -7.58 -1.09 -20.71
CA ALA C 229 -7.34 -1.60 -19.37
C ALA C 229 -7.75 -0.59 -18.29
N ILE C 230 -7.48 0.70 -18.52
CA ILE C 230 -7.80 1.72 -17.55
C ILE C 230 -8.43 2.97 -18.17
N THR C 231 -9.34 3.61 -17.41
CA THR C 231 -9.98 4.86 -17.81
C THR C 231 -9.64 5.83 -16.67
N VAL C 232 -9.15 7.01 -17.02
CA VAL C 232 -8.76 7.99 -16.03
C VAL C 232 -9.49 9.29 -16.22
N SER C 233 -9.87 9.93 -15.10
CA SER C 233 -10.52 11.23 -15.10
C SER C 233 -9.45 12.17 -14.50
N SER C 234 -9.08 13.22 -15.21
CA SER C 234 -8.04 14.13 -14.70
C SER C 234 -8.21 15.57 -15.19
N ILE C 235 -7.52 16.53 -14.59
CA ILE C 235 -7.58 17.93 -15.03
C ILE C 235 -6.55 18.13 -16.17
N ASP C 236 -5.37 17.51 -16.05
CA ASP C 236 -4.28 17.63 -17.03
C ASP C 236 -4.06 16.37 -17.82
N HIS C 237 -3.25 16.44 -18.89
CA HIS C 237 -2.95 15.29 -19.74
C HIS C 237 -2.12 14.29 -18.97
N VAL C 238 -2.46 13.00 -19.11
CA VAL C 238 -1.76 11.91 -18.42
C VAL C 238 -1.50 10.70 -19.32
N GLU C 239 -1.81 10.79 -20.61
CA GLU C 239 -1.64 9.74 -21.63
C GLU C 239 -0.30 9.01 -21.55
N TYR C 240 0.78 9.80 -21.53
CA TYR C 240 2.15 9.29 -21.48
C TYR C 240 2.42 8.50 -20.20
N GLU C 241 2.14 9.12 -19.03
CA GLU C 241 2.34 8.48 -17.73
C GLU C 241 1.49 7.21 -17.65
N LEU C 242 0.23 7.26 -18.10
CA LEU C 242 -0.70 6.12 -18.11
C LEU C 242 -0.05 4.90 -18.82
N GLU C 243 0.43 5.07 -20.08
CA GLU C 243 1.07 3.95 -20.80
C GLU C 243 2.38 3.51 -20.13
N GLU C 244 3.14 4.44 -19.55
CA GLU C 244 4.40 4.09 -18.89
C GLU C 244 4.22 3.26 -17.63
N ILE C 245 3.20 3.62 -16.80
CA ILE C 245 2.90 2.92 -15.57
C ILE C 245 2.41 1.50 -15.92
N LEU C 246 1.52 1.37 -16.90
CA LEU C 246 1.02 0.06 -17.30
C LEU C 246 2.12 -0.84 -17.84
N SER C 247 2.95 -0.30 -18.77
CA SER C 247 4.06 -1.04 -19.37
C SER C 247 5.03 -1.50 -18.32
N LYS C 248 5.32 -0.64 -17.34
CA LYS C 248 6.22 -0.96 -16.24
C LYS C 248 5.65 -2.15 -15.45
N ASN C 249 4.36 -2.15 -15.14
CA ASN C 249 3.77 -3.25 -14.40
C ASN C 249 3.73 -4.55 -15.20
N ILE C 250 3.53 -4.46 -16.54
CA ILE C 250 3.50 -5.63 -17.42
C ILE C 250 4.92 -6.23 -17.44
N SER C 251 5.97 -5.37 -17.55
CA SER C 251 7.38 -5.77 -17.57
C SER C 251 7.85 -6.52 -16.28
N ARG C 252 7.13 -6.39 -15.14
CA ARG C 252 7.52 -7.09 -13.88
C ARG C 252 7.25 -8.59 -13.97
N VAL C 253 6.42 -9.01 -14.91
CA VAL C 253 6.10 -10.43 -15.07
C VAL C 253 7.33 -11.19 -15.53
N ASP C 254 7.71 -12.20 -14.78
CA ASP C 254 8.84 -13.03 -15.07
C ASP C 254 8.35 -14.47 -15.08
N SER C 255 8.53 -15.15 -16.19
CA SER C 255 8.10 -16.53 -16.32
C SER C 255 9.32 -17.39 -16.67
N PHE C 256 9.41 -18.55 -16.07
CA PHE C 256 10.54 -19.44 -16.34
C PHE C 256 10.18 -20.84 -15.92
N VAL C 257 10.85 -21.83 -16.52
CA VAL C 257 10.64 -23.23 -16.19
C VAL C 257 11.84 -23.64 -15.33
N LYS C 258 11.57 -24.10 -14.13
CA LYS C 258 12.63 -24.54 -13.23
C LYS C 258 12.81 -26.02 -13.48
N GLU C 259 14.00 -26.46 -13.87
CA GLU C 259 14.25 -27.88 -14.13
C GLU C 259 14.32 -28.64 -12.79
N PHE C 260 13.61 -29.77 -12.71
CA PHE C 260 13.59 -30.60 -11.52
C PHE C 260 14.51 -31.77 -11.80
N ASP C 261 15.66 -31.83 -11.11
CA ASP C 261 16.63 -32.91 -11.30
C ASP C 261 16.22 -34.21 -10.59
N ASN D 2 -21.71 -20.45 -7.93
CA ASN D 2 -20.90 -20.33 -6.71
C ASN D 2 -19.50 -20.96 -6.87
N TYR D 3 -19.23 -21.86 -7.86
CA TYR D 3 -17.89 -22.39 -8.07
C TYR D 3 -17.33 -21.66 -9.28
N GLY D 4 -16.02 -21.76 -9.47
CA GLY D 4 -15.34 -21.10 -10.58
C GLY D 4 -15.11 -22.08 -11.72
N ILE D 5 -13.84 -22.30 -12.09
CA ILE D 5 -13.43 -23.19 -13.18
C ILE D 5 -13.73 -24.66 -12.83
N THR D 6 -13.54 -25.02 -11.55
CA THR D 6 -13.80 -26.36 -11.03
C THR D 6 -14.45 -26.16 -9.67
N GLU D 7 -14.86 -27.27 -9.03
CA GLU D 7 -15.47 -27.24 -7.72
C GLU D 7 -14.44 -26.98 -6.59
N SER D 8 -13.13 -26.94 -6.90
CA SER D 8 -12.08 -26.67 -5.91
C SER D 8 -11.94 -25.17 -5.62
N VAL D 9 -12.52 -24.31 -6.47
CA VAL D 9 -12.46 -22.86 -6.32
C VAL D 9 -13.87 -22.29 -6.23
N LYS D 10 -14.06 -21.39 -5.26
CA LYS D 10 -15.33 -20.71 -5.03
C LYS D 10 -15.32 -19.33 -5.65
N THR D 11 -16.48 -18.91 -6.17
CA THR D 11 -16.70 -17.61 -6.77
C THR D 11 -17.75 -16.98 -5.86
N THR D 12 -17.45 -15.80 -5.27
CA THR D 12 -18.34 -15.09 -4.37
C THR D 12 -18.55 -13.66 -4.83
N ARG D 13 -19.82 -13.28 -5.01
CA ARG D 13 -20.17 -11.94 -5.44
C ARG D 13 -20.68 -11.25 -4.18
N SER D 14 -20.20 -10.04 -3.90
CA SER D 14 -20.62 -9.33 -2.71
C SER D 14 -22.12 -9.01 -2.69
N LYS D 15 -22.72 -9.07 -1.51
CA LYS D 15 -24.15 -8.77 -1.29
C LYS D 15 -24.31 -7.27 -1.47
N ILE D 16 -23.27 -6.50 -1.12
CA ILE D 16 -23.27 -5.06 -1.26
C ILE D 16 -23.09 -4.75 -2.75
N LYS D 17 -24.02 -3.96 -3.28
CA LYS D 17 -24.02 -3.55 -4.67
C LYS D 17 -23.47 -2.15 -4.75
N ILE D 18 -23.04 -1.76 -5.94
CA ILE D 18 -22.49 -0.42 -6.18
C ILE D 18 -23.52 0.64 -5.77
N LYS D 19 -24.81 0.45 -6.12
CA LYS D 19 -25.89 1.37 -5.76
C LYS D 19 -25.99 1.58 -4.24
N ASP D 20 -25.70 0.51 -3.45
CA ASP D 20 -25.73 0.60 -1.99
C ASP D 20 -24.62 1.52 -1.48
N ILE D 21 -23.43 1.50 -2.16
CA ILE D 21 -22.30 2.35 -1.77
C ILE D 21 -22.67 3.78 -2.14
N VAL D 22 -23.23 3.97 -3.35
CA VAL D 22 -23.65 5.30 -3.83
C VAL D 22 -24.67 5.87 -2.86
N SER D 23 -25.70 5.09 -2.51
CA SER D 23 -26.76 5.51 -1.58
C SER D 23 -26.21 5.95 -0.23
N ASP D 24 -25.27 5.18 0.33
CA ASP D 24 -24.66 5.50 1.62
C ASP D 24 -23.92 6.84 1.56
N VAL D 25 -23.15 7.07 0.49
CA VAL D 25 -22.39 8.31 0.31
C VAL D 25 -23.36 9.48 0.11
N VAL D 26 -24.39 9.38 -0.74
CA VAL D 26 -25.34 10.49 -0.96
C VAL D 26 -26.14 10.81 0.32
N GLU D 27 -26.49 9.77 1.09
CA GLU D 27 -27.24 9.95 2.34
C GLU D 27 -26.37 10.70 3.36
N LYS D 28 -25.06 10.38 3.41
CA LYS D 28 -24.14 11.07 4.33
C LYS D 28 -24.05 12.54 3.97
N LYS D 29 -24.01 12.87 2.66
CA LYS D 29 -23.95 14.26 2.22
C LYS D 29 -25.27 14.97 2.55
N ALA D 30 -26.40 14.30 2.33
CA ALA D 30 -27.73 14.90 2.62
C ALA D 30 -27.87 15.13 4.12
N ASN D 31 -27.39 14.19 4.93
CA ASN D 31 -27.47 14.33 6.40
C ASN D 31 -26.58 15.46 6.90
N ALA D 32 -25.42 15.69 6.25
CA ALA D 32 -24.51 16.76 6.62
C ALA D 32 -25.22 18.09 6.44
N ILE D 33 -25.89 18.26 5.30
CA ILE D 33 -26.67 19.47 4.98
C ILE D 33 -27.81 19.63 5.99
N LYS D 34 -28.55 18.54 6.28
CA LYS D 34 -29.68 18.57 7.22
C LYS D 34 -29.20 19.07 8.60
N TYR D 35 -28.09 18.49 9.12
CA TYR D 35 -27.52 18.87 10.42
C TYR D 35 -27.19 20.36 10.42
N PHE D 36 -26.53 20.82 9.37
CA PHE D 36 -26.14 22.22 9.21
C PHE D 36 -27.36 23.15 9.16
N LEU D 37 -28.46 22.75 8.51
CA LEU D 37 -29.65 23.59 8.42
C LEU D 37 -30.42 23.73 9.75
N GLU D 38 -30.18 22.84 10.73
CA GLU D 38 -30.81 22.88 12.07
C GLU D 38 -32.35 23.02 12.06
N GLY D 39 -33.00 22.33 11.14
CA GLY D 39 -34.46 22.34 11.00
C GLY D 39 -35.06 23.63 10.48
N GLU D 40 -34.26 24.54 9.91
CA GLU D 40 -34.79 25.80 9.38
C GLU D 40 -35.65 25.52 8.15
N GLU D 41 -36.75 26.26 8.01
CA GLU D 41 -37.68 26.11 6.88
C GLU D 41 -37.40 27.20 5.87
N PHE D 42 -37.59 26.89 4.59
CA PHE D 42 -37.34 27.84 3.50
C PHE D 42 -38.47 27.89 2.49
N LYS D 43 -38.67 29.05 1.86
CA LYS D 43 -39.70 29.24 0.85
C LYS D 43 -39.27 28.62 -0.49
N GLN D 44 -38.01 28.84 -0.88
CA GLN D 44 -37.50 28.31 -2.14
C GLN D 44 -36.03 27.93 -2.07
N ALA D 45 -35.72 26.69 -2.41
CA ALA D 45 -34.37 26.19 -2.43
C ALA D 45 -33.95 25.90 -3.87
N ILE D 46 -32.73 26.32 -4.25
CA ILE D 46 -32.16 26.10 -5.58
C ILE D 46 -30.90 25.23 -5.36
N VAL D 47 -30.83 24.07 -6.01
CA VAL D 47 -29.74 23.12 -5.93
C VAL D 47 -29.09 23.02 -7.30
N PHE D 48 -27.84 23.42 -7.46
CA PHE D 48 -27.11 23.34 -8.74
C PHE D 48 -26.37 22.02 -8.83
N GLY D 49 -26.58 21.27 -9.91
CA GLY D 49 -25.94 19.97 -10.15
C GLY D 49 -26.78 18.82 -9.64
N ALA D 50 -27.41 18.09 -10.55
CA ALA D 50 -28.27 16.93 -10.28
C ALA D 50 -27.48 15.65 -10.03
N TYR D 51 -26.37 15.47 -10.78
CA TYR D 51 -25.52 14.29 -10.65
C TYR D 51 -24.39 14.59 -9.65
N LEU D 52 -24.01 13.66 -8.77
CA LEU D 52 -24.62 12.35 -8.53
C LEU D 52 -25.42 12.41 -7.20
N SER D 53 -24.98 13.24 -6.25
CA SER D 53 -25.62 13.41 -4.94
C SER D 53 -26.79 14.44 -4.92
N GLY D 54 -26.84 15.33 -5.91
CA GLY D 54 -27.87 16.36 -6.01
C GLY D 54 -29.30 15.89 -5.97
N SER D 55 -29.58 14.77 -6.64
CA SER D 55 -30.91 14.17 -6.71
C SER D 55 -31.46 13.84 -5.32
N TYR D 56 -30.69 13.07 -4.52
CA TYR D 56 -31.13 12.70 -3.18
C TYR D 56 -31.11 13.92 -2.24
N ILE D 57 -30.16 14.85 -2.42
CA ILE D 57 -30.10 16.05 -1.58
C ILE D 57 -31.37 16.88 -1.79
N ALA D 58 -31.75 17.12 -3.04
CA ALA D 58 -32.95 17.87 -3.38
C ALA D 58 -34.22 17.18 -2.79
N TYR D 59 -34.25 15.83 -2.84
CA TYR D 59 -35.36 15.06 -2.29
C TYR D 59 -35.46 15.31 -0.77
N SER D 60 -34.33 15.26 -0.05
CA SER D 60 -34.27 15.47 1.40
C SER D 60 -34.67 16.89 1.85
N LEU D 61 -34.65 17.86 0.94
CA LEU D 61 -35.03 19.25 1.23
C LEU D 61 -36.52 19.49 1.10
N LEU D 62 -37.30 18.56 0.49
CA LEU D 62 -38.75 18.70 0.29
C LEU D 62 -39.56 18.90 1.58
N LYS D 63 -39.12 18.29 2.68
CA LYS D 63 -39.80 18.40 3.96
C LYS D 63 -39.79 19.83 4.52
N ASP D 64 -38.61 20.47 4.58
CA ASP D 64 -38.48 21.83 5.12
C ASP D 64 -38.51 22.94 4.07
N CYS D 65 -38.66 22.64 2.79
CA CYS D 65 -38.71 23.68 1.76
C CYS D 65 -40.02 23.61 1.00
N GLU D 66 -40.70 24.76 0.85
CA GLU D 66 -41.99 24.85 0.14
C GLU D 66 -41.78 24.50 -1.33
N GLU D 67 -40.63 24.92 -1.91
CA GLU D 67 -40.30 24.65 -3.30
C GLU D 67 -38.80 24.31 -3.41
N VAL D 68 -38.48 23.21 -4.12
CA VAL D 68 -37.10 22.75 -4.35
C VAL D 68 -36.93 22.67 -5.86
N ILE D 69 -35.91 23.38 -6.38
CA ILE D 69 -35.61 23.41 -7.80
C ILE D 69 -34.21 22.92 -8.00
N ILE D 70 -34.02 21.95 -8.89
CA ILE D 70 -32.70 21.43 -9.22
C ILE D 70 -32.38 22.17 -10.52
N VAL D 71 -31.13 22.63 -10.67
CA VAL D 71 -30.67 23.34 -11.85
C VAL D 71 -29.47 22.53 -12.37
N ASP D 72 -29.51 22.15 -13.63
CA ASP D 72 -28.42 21.41 -14.25
C ASP D 72 -28.24 21.93 -15.64
N ILE D 73 -27.00 22.05 -16.07
CA ILE D 73 -26.63 22.52 -17.39
C ILE D 73 -27.07 21.49 -18.47
N GLN D 74 -27.20 20.18 -18.08
CA GLN D 74 -27.61 19.07 -18.95
C GLN D 74 -29.12 18.80 -18.78
N PRO D 75 -30.00 19.17 -19.75
CA PRO D 75 -31.43 18.89 -19.60
C PRO D 75 -31.82 17.42 -19.36
N HIS D 76 -31.09 16.44 -19.96
CA HIS D 76 -31.41 15.01 -19.78
C HIS D 76 -31.25 14.55 -18.30
N LEU D 77 -30.55 15.32 -17.46
CA LEU D 77 -30.38 14.94 -16.04
C LEU D 77 -31.68 15.09 -15.23
N LYS D 78 -32.80 15.52 -15.85
CA LYS D 78 -34.08 15.60 -15.17
C LYS D 78 -34.46 14.13 -14.87
N ASP D 79 -33.99 13.18 -15.71
CA ASP D 79 -34.24 11.72 -15.57
C ASP D 79 -33.63 11.12 -14.28
N ILE D 80 -32.59 11.77 -13.66
CA ILE D 80 -31.97 11.27 -12.43
C ILE D 80 -32.80 11.67 -11.18
N LEU D 81 -33.82 12.54 -11.33
CA LEU D 81 -34.67 12.95 -10.22
C LEU D 81 -35.69 11.82 -10.04
N PHE D 82 -35.93 11.38 -8.80
CA PHE D 82 -36.88 10.28 -8.52
C PHE D 82 -38.16 10.74 -7.78
N ASN D 83 -38.41 12.07 -7.68
CA ASN D 83 -39.60 12.60 -7.03
C ASN D 83 -40.14 13.78 -7.84
N ASP D 84 -41.47 13.77 -8.15
CA ASP D 84 -42.11 14.83 -8.93
C ASP D 84 -42.16 16.18 -8.21
N GLY D 85 -42.00 16.18 -6.88
CA GLY D 85 -42.02 17.40 -6.08
C GLY D 85 -40.81 18.27 -6.35
N ILE D 86 -39.74 17.67 -6.89
CA ILE D 86 -38.52 18.42 -7.20
C ILE D 86 -38.73 19.05 -8.58
N LYS D 87 -38.63 20.37 -8.67
CA LYS D 87 -38.80 21.07 -9.95
C LYS D 87 -37.42 21.03 -10.62
N PHE D 88 -37.40 20.94 -11.94
CA PHE D 88 -36.19 20.89 -12.71
C PHE D 88 -36.21 22.03 -13.66
N MET D 89 -35.08 22.68 -13.76
CA MET D 89 -34.83 23.81 -14.61
C MET D 89 -33.45 23.62 -15.22
N ASP D 90 -33.25 23.89 -16.52
CA ASP D 90 -31.89 23.75 -17.05
C ASP D 90 -31.23 25.10 -16.73
N LEU D 91 -29.92 25.22 -16.90
CA LEU D 91 -29.19 26.47 -16.60
C LEU D 91 -29.68 27.65 -17.40
N ASN D 92 -29.93 27.43 -18.67
CA ASN D 92 -30.42 28.50 -19.56
C ASN D 92 -31.77 29.07 -19.03
N LYS D 93 -32.76 28.19 -18.75
CA LYS D 93 -34.05 28.65 -18.23
C LYS D 93 -33.86 29.48 -16.95
N LEU D 94 -33.01 29.02 -15.99
CA LEU D 94 -32.75 29.77 -14.75
C LEU D 94 -32.16 31.16 -15.08
N GLN D 95 -31.16 31.23 -15.99
CA GLN D 95 -30.53 32.50 -16.40
C GLN D 95 -31.55 33.45 -17.04
N LEU D 96 -32.52 32.91 -17.83
CA LEU D 96 -33.56 33.73 -18.48
C LEU D 96 -34.56 34.24 -17.44
N GLU D 97 -35.01 33.34 -16.54
CA GLU D 97 -35.96 33.68 -15.49
C GLU D 97 -35.37 34.70 -14.51
N LEU D 98 -34.04 34.74 -14.37
CA LEU D 98 -33.38 35.68 -13.46
C LEU D 98 -33.42 37.10 -14.05
N ARG D 99 -33.12 37.23 -15.35
CA ARG D 99 -33.13 38.52 -16.06
C ARG D 99 -34.54 39.09 -16.19
N ASN D 100 -35.45 38.31 -16.78
CA ASN D 100 -36.84 38.70 -17.00
C ASN D 100 -37.79 37.86 -16.16
N GLY D 101 -37.92 38.24 -14.89
CA GLY D 101 -38.81 37.56 -13.94
C GLY D 101 -38.44 37.78 -12.49
N THR D 102 -39.43 37.56 -11.61
CA THR D 102 -39.30 37.68 -10.14
C THR D 102 -39.63 36.34 -9.44
N SER D 103 -39.93 35.26 -10.20
CA SER D 103 -40.25 33.94 -9.66
C SER D 103 -39.07 33.29 -8.92
N ILE D 104 -37.83 33.68 -9.25
CA ILE D 104 -36.62 33.14 -8.62
C ILE D 104 -35.99 34.13 -7.65
N ASN D 105 -36.05 33.79 -6.37
CA ASN D 105 -35.48 34.57 -5.28
C ASN D 105 -35.36 33.57 -4.12
N PRO D 106 -34.43 32.60 -4.24
CA PRO D 106 -34.30 31.59 -3.18
C PRO D 106 -33.67 32.07 -1.90
N ASP D 107 -34.14 31.49 -0.80
CA ASP D 107 -33.65 31.75 0.54
C ASP D 107 -32.60 30.64 0.89
N LEU D 108 -32.48 29.59 0.05
CA LEU D 108 -31.51 28.51 0.26
C LEU D 108 -30.87 28.18 -1.07
N VAL D 109 -29.56 28.37 -1.21
CA VAL D 109 -28.84 28.08 -2.45
C VAL D 109 -27.79 27.02 -2.10
N ILE D 110 -27.77 25.93 -2.85
CA ILE D 110 -26.81 24.84 -2.64
C ILE D 110 -26.10 24.59 -3.96
N ASP D 111 -24.77 24.80 -4.01
CA ASP D 111 -23.99 24.57 -5.22
C ASP D 111 -23.22 23.23 -5.09
N LEU D 112 -23.60 22.22 -5.88
CA LEU D 112 -22.93 20.91 -5.85
C LEU D 112 -22.20 20.62 -7.17
N THR D 113 -21.97 21.62 -8.01
CA THR D 113 -21.32 21.41 -9.31
C THR D 113 -19.81 21.10 -9.24
N GLY D 114 -19.12 21.65 -8.26
CA GLY D 114 -17.69 21.42 -8.11
C GLY D 114 -16.82 21.92 -9.27
N ILE D 115 -15.82 21.11 -9.65
CA ILE D 115 -14.85 21.40 -10.71
C ILE D 115 -15.50 21.82 -12.05
N GLY D 116 -15.14 23.02 -12.52
CA GLY D 116 -15.66 23.57 -13.77
C GLY D 116 -17.15 23.86 -13.76
N GLY D 117 -17.72 23.92 -12.57
CA GLY D 117 -19.13 24.17 -12.34
C GLY D 117 -19.62 25.61 -12.42
N VAL D 118 -20.63 25.96 -11.62
CA VAL D 118 -21.20 27.31 -11.60
C VAL D 118 -20.18 28.38 -11.26
N SER D 119 -20.28 29.51 -11.94
CA SER D 119 -19.38 30.62 -11.71
C SER D 119 -19.78 31.43 -10.49
N PRO D 120 -18.80 32.08 -9.81
CA PRO D 120 -19.14 32.92 -8.66
C PRO D 120 -20.11 34.04 -9.10
N ASP D 121 -19.98 34.53 -10.37
CA ASP D 121 -20.82 35.59 -10.93
C ASP D 121 -22.30 35.20 -10.89
N LEU D 122 -22.65 33.95 -11.23
CA LEU D 122 -24.05 33.51 -11.18
C LEU D 122 -24.49 33.46 -9.71
N ILE D 123 -23.66 32.90 -8.82
CA ILE D 123 -24.00 32.80 -7.38
C ILE D 123 -24.25 34.20 -6.78
N SER D 124 -23.45 35.20 -7.18
CA SER D 124 -23.57 36.59 -6.70
C SER D 124 -24.95 37.25 -7.02
N LYS D 125 -25.70 36.72 -7.99
CA LYS D 125 -27.01 37.26 -8.36
C LYS D 125 -28.10 36.92 -7.34
N PHE D 126 -27.85 35.96 -6.41
CA PHE D 126 -28.82 35.57 -5.39
C PHE D 126 -28.53 36.29 -4.07
N ASN D 127 -29.50 36.28 -3.17
CA ASN D 127 -29.41 36.88 -1.84
C ASN D 127 -30.15 35.96 -0.86
N PRO D 128 -29.64 34.74 -0.65
CA PRO D 128 -30.33 33.82 0.25
C PRO D 128 -30.01 33.99 1.72
N LYS D 129 -30.75 33.27 2.55
CA LYS D 129 -30.54 33.27 3.99
C LYS D 129 -29.34 32.34 4.22
N VAL D 130 -29.27 31.20 3.47
CA VAL D 130 -28.21 30.20 3.58
C VAL D 130 -27.62 29.83 2.23
N LEU D 131 -26.28 29.75 2.17
CA LEU D 131 -25.56 29.37 0.96
C LEU D 131 -24.66 28.21 1.35
N ILE D 132 -24.73 27.11 0.61
CA ILE D 132 -23.91 25.92 0.84
C ILE D 132 -23.20 25.65 -0.49
N VAL D 133 -21.89 25.54 -0.46
CA VAL D 133 -21.10 25.27 -1.65
C VAL D 133 -20.36 23.98 -1.35
N GLU D 134 -20.41 23.01 -2.26
CA GLU D 134 -19.69 21.74 -2.06
C GLU D 134 -18.26 21.93 -2.50
N ASP D 135 -17.30 21.59 -1.64
CA ASP D 135 -15.89 21.70 -1.95
C ASP D 135 -15.55 20.40 -2.68
N PRO D 136 -15.14 20.42 -3.96
CA PRO D 136 -14.83 19.16 -4.65
C PRO D 136 -13.47 18.57 -4.23
N LYS D 137 -12.63 19.35 -3.56
CA LYS D 137 -11.31 18.88 -3.16
C LYS D 137 -11.40 17.81 -2.09
N GLY D 138 -10.55 16.80 -2.22
CA GLY D 138 -10.43 15.71 -1.30
C GLY D 138 -9.12 15.98 -0.59
N ASN D 139 -8.22 15.03 -0.62
CA ASN D 139 -6.91 15.20 0.00
C ASN D 139 -6.03 16.03 -0.98
N HIS D 140 -4.88 16.49 -0.52
CA HIS D 140 -4.03 17.36 -1.32
C HIS D 140 -3.47 16.86 -2.66
N ASP D 141 -3.76 17.68 -3.68
CA ASP D 141 -3.32 17.53 -5.08
C ASP D 141 -3.20 18.95 -5.65
N LYS D 142 -2.02 19.35 -6.08
CA LYS D 142 -1.77 20.68 -6.64
C LYS D 142 -2.67 21.04 -7.85
N GLY D 143 -2.88 20.10 -8.77
CA GLY D 143 -3.70 20.32 -9.97
C GLY D 143 -5.16 20.57 -9.68
N ILE D 144 -5.72 19.80 -8.77
CA ILE D 144 -7.10 19.95 -8.36
C ILE D 144 -7.24 21.27 -7.59
N SER D 145 -6.26 21.61 -6.72
CA SER D 145 -6.31 22.86 -5.93
C SER D 145 -6.28 24.10 -6.82
N LYS D 146 -5.47 24.06 -7.89
CA LYS D 146 -5.34 25.18 -8.81
C LYS D 146 -6.66 25.48 -9.54
N ILE D 147 -7.39 24.44 -10.03
CA ILE D 147 -8.65 24.64 -10.77
C ILE D 147 -9.82 24.95 -9.83
N ASP D 148 -9.73 24.57 -8.55
CA ASP D 148 -10.79 24.80 -7.58
C ASP D 148 -10.97 26.28 -7.19
N ASN D 149 -12.22 26.77 -7.15
CA ASN D 149 -12.53 28.16 -6.79
C ASN D 149 -13.68 28.23 -5.77
N THR D 150 -13.80 27.21 -4.91
CA THR D 150 -14.84 27.11 -3.89
C THR D 150 -14.97 28.39 -3.05
N ASP D 151 -13.84 28.94 -2.60
CA ASP D 151 -13.82 30.16 -1.78
C ASP D 151 -14.46 31.35 -2.50
N LYS D 152 -14.23 31.50 -3.81
CA LYS D 152 -14.80 32.59 -4.60
C LYS D 152 -16.32 32.42 -4.77
N ARG D 153 -16.83 31.17 -4.70
CA ARG D 153 -18.26 30.88 -4.82
C ARG D 153 -19.03 31.27 -3.55
N LEU D 154 -18.38 31.36 -2.39
CA LEU D 154 -19.03 31.73 -1.12
C LEU D 154 -19.06 33.25 -1.02
N CYS D 155 -19.82 33.88 -1.90
CA CYS D 155 -19.92 35.34 -1.98
C CYS D 155 -21.26 35.93 -1.53
N VAL D 156 -22.25 35.09 -1.16
CA VAL D 156 -23.56 35.57 -0.72
C VAL D 156 -24.08 34.70 0.43
N GLY D 157 -25.19 35.12 1.03
CA GLY D 157 -25.82 34.41 2.14
C GLY D 157 -25.50 34.95 3.51
N ALA D 158 -26.53 35.03 4.39
CA ALA D 158 -26.34 35.50 5.77
C ALA D 158 -25.54 34.46 6.54
N LYS D 159 -25.80 33.17 6.23
CA LYS D 159 -25.12 32.01 6.82
C LYS D 159 -24.48 31.27 5.63
N LYS D 160 -23.19 30.98 5.69
CA LYS D 160 -22.46 30.30 4.62
C LYS D 160 -21.81 29.04 5.13
N GLY D 161 -21.82 28.00 4.29
CA GLY D 161 -21.22 26.73 4.65
C GLY D 161 -20.56 26.03 3.48
N VAL D 162 -19.56 25.20 3.77
CA VAL D 162 -18.83 24.45 2.77
C VAL D 162 -19.02 22.98 3.08
N LEU D 163 -19.62 22.24 2.14
CA LEU D 163 -19.85 20.81 2.31
C LEU D 163 -18.56 20.08 1.96
N LYS D 164 -18.00 19.38 2.92
CA LYS D 164 -16.76 18.64 2.79
C LYS D 164 -17.02 17.16 3.02
N THR D 165 -16.36 16.32 2.25
CA THR D 165 -16.51 14.88 2.36
C THR D 165 -15.17 14.21 2.13
N TYR D 166 -14.73 13.42 3.11
CA TYR D 166 -13.46 12.70 3.09
C TYR D 166 -13.64 11.29 3.58
N ARG D 167 -12.58 10.51 3.43
CA ARG D 167 -12.51 9.15 3.91
C ARG D 167 -11.52 9.22 5.09
N SER D 168 -11.94 8.82 6.30
CA SER D 168 -11.05 8.84 7.45
C SER D 168 -9.90 7.89 7.21
N SER D 169 -8.66 8.36 7.46
CA SER D 169 -7.42 7.57 7.32
C SER D 169 -7.10 7.05 5.93
N LYS D 170 -7.81 7.51 4.87
CA LYS D 170 -7.58 7.05 3.52
C LYS D 170 -7.49 8.20 2.55
N PHE D 171 -6.70 8.03 1.51
CA PHE D 171 -6.52 9.08 0.52
C PHE D 171 -7.55 9.02 -0.63
N SER D 172 -8.12 10.16 -0.97
CA SER D 172 -9.07 10.34 -2.08
C SER D 172 -8.76 11.70 -2.68
N LYS D 173 -8.75 11.75 -4.01
CA LYS D 173 -8.45 12.99 -4.70
C LYS D 173 -9.56 14.02 -4.67
N THR D 174 -10.81 13.59 -4.54
CA THR D 174 -11.95 14.48 -4.50
C THR D 174 -12.97 13.98 -3.52
N SER D 175 -13.97 14.82 -3.26
CA SER D 175 -15.10 14.53 -2.40
C SER D 175 -16.26 14.03 -3.24
N GLY D 176 -16.08 13.94 -4.57
CA GLY D 176 -17.11 13.50 -5.48
C GLY D 176 -17.61 12.11 -5.15
N THR D 177 -18.95 11.90 -5.27
CA THR D 177 -19.60 10.63 -4.97
C THR D 177 -18.96 9.50 -5.74
N MET D 178 -18.77 9.70 -7.03
CA MET D 178 -18.16 8.70 -7.89
C MET D 178 -16.74 8.36 -7.44
N THR D 179 -15.93 9.39 -7.14
CA THR D 179 -14.54 9.21 -6.69
C THR D 179 -14.52 8.36 -5.42
N LEU D 180 -15.34 8.75 -4.40
CA LEU D 180 -15.43 8.04 -3.13
C LEU D 180 -15.86 6.56 -3.30
N VAL D 181 -16.84 6.30 -4.17
CA VAL D 181 -17.36 4.93 -4.44
C VAL D 181 -16.26 4.07 -5.02
N VAL D 182 -15.56 4.60 -6.01
CA VAL D 182 -14.45 3.91 -6.67
C VAL D 182 -13.33 3.63 -5.64
N ASP D 183 -12.94 4.62 -4.84
CA ASP D 183 -11.88 4.46 -3.83
C ASP D 183 -12.26 3.46 -2.75
N ILE D 184 -13.53 3.43 -2.31
CA ILE D 184 -14.03 2.47 -1.32
C ILE D 184 -13.85 1.05 -1.88
N ILE D 185 -14.25 0.84 -3.15
CA ILE D 185 -14.18 -0.47 -3.82
C ILE D 185 -12.73 -0.90 -4.02
N MET D 186 -11.89 0.01 -4.55
CA MET D 186 -10.48 -0.27 -4.79
C MET D 186 -9.73 -0.60 -3.48
N ASP D 187 -9.98 0.16 -2.41
CA ASP D 187 -9.33 -0.12 -1.11
C ASP D 187 -9.84 -1.43 -0.54
N SER D 188 -11.13 -1.73 -0.70
CA SER D 188 -11.72 -2.98 -0.20
C SER D 188 -11.04 -4.15 -0.93
N CYS D 189 -10.88 -4.06 -2.27
CA CYS D 189 -10.20 -5.09 -3.09
C CYS D 189 -8.81 -5.41 -2.61
N ARG D 190 -8.04 -4.39 -2.28
CA ARG D 190 -6.67 -4.55 -1.78
C ARG D 190 -6.65 -5.37 -0.48
N GLU D 191 -7.53 -5.05 0.47
CA GLU D 191 -7.60 -5.80 1.72
C GLU D 191 -8.20 -7.21 1.49
N ILE D 192 -9.24 -7.33 0.66
CA ILE D 192 -9.88 -8.63 0.36
C ILE D 192 -8.87 -9.61 -0.24
N ASN D 193 -8.03 -9.11 -1.16
CA ASN D 193 -7.03 -9.94 -1.81
C ASN D 193 -6.02 -10.58 -0.84
N GLU D 194 -5.81 -9.96 0.32
CA GLU D 194 -4.88 -10.47 1.36
C GLU D 194 -5.53 -11.54 2.25
N LEU D 195 -6.85 -11.79 2.14
CA LEU D 195 -7.49 -12.81 2.96
C LEU D 195 -6.94 -14.17 2.55
N ASP D 196 -6.79 -15.07 3.50
CA ASP D 196 -6.26 -16.40 3.19
C ASP D 196 -7.17 -17.13 2.21
N SER D 197 -6.55 -17.85 1.27
CA SER D 197 -7.22 -18.65 0.25
C SER D 197 -7.72 -17.83 -0.97
N VAL D 198 -7.74 -16.46 -0.93
CA VAL D 198 -8.21 -15.67 -2.06
C VAL D 198 -7.19 -15.77 -3.22
N LEU D 199 -7.67 -16.02 -4.45
CA LEU D 199 -6.84 -16.15 -5.66
C LEU D 199 -6.74 -14.78 -6.29
N TYR D 200 -7.89 -14.15 -6.51
CA TYR D 200 -7.93 -12.82 -7.08
C TYR D 200 -9.26 -12.16 -6.74
N THR D 201 -9.25 -10.85 -6.82
CA THR D 201 -10.41 -10.02 -6.49
C THR D 201 -10.71 -9.06 -7.61
N ILE D 202 -11.95 -9.03 -8.04
CA ILE D 202 -12.40 -8.17 -9.12
C ILE D 202 -13.29 -7.04 -8.68
N PRO D 203 -12.89 -5.78 -8.89
CA PRO D 203 -13.82 -4.67 -8.57
C PRO D 203 -14.69 -4.58 -9.84
N ASN D 204 -16.01 -4.60 -9.73
CA ASN D 204 -16.90 -4.52 -10.90
C ASN D 204 -17.15 -3.06 -11.25
N LEU D 205 -16.13 -2.45 -11.83
CA LEU D 205 -16.16 -1.05 -12.19
C LEU D 205 -16.03 -0.82 -13.65
N LYS D 206 -16.54 0.33 -14.06
CA LYS D 206 -16.50 0.82 -15.42
C LYS D 206 -16.66 2.34 -15.32
N TYR D 207 -16.50 3.02 -16.45
CA TYR D 207 -16.63 4.48 -16.50
C TYR D 207 -18.14 4.83 -16.54
N PHE D 208 -18.79 4.70 -15.38
CA PHE D 208 -20.22 4.98 -15.18
C PHE D 208 -20.58 6.42 -15.59
N GLU D 209 -19.68 7.38 -15.35
CA GLU D 209 -19.87 8.78 -15.69
C GLU D 209 -20.12 8.91 -17.21
N GLY D 210 -19.46 8.08 -18.01
CA GLY D 210 -19.62 8.04 -19.46
C GLY D 210 -21.04 7.70 -19.87
N THR D 211 -21.68 6.76 -19.16
CA THR D 211 -23.05 6.35 -19.45
C THR D 211 -24.02 7.51 -19.24
N VAL D 212 -23.77 8.31 -18.24
CA VAL D 212 -24.61 9.46 -17.92
C VAL D 212 -24.39 10.65 -18.83
N PHE D 213 -23.12 11.06 -19.03
CA PHE D 213 -22.85 12.25 -19.83
C PHE D 213 -22.52 12.08 -21.29
N HIS D 214 -21.98 10.94 -21.71
CA HIS D 214 -21.62 10.72 -23.11
C HIS D 214 -22.74 9.97 -23.82
N GLU D 215 -23.25 8.90 -23.20
CA GLU D 215 -24.35 8.13 -23.79
C GLU D 215 -25.67 8.79 -23.41
N LYS D 216 -25.68 9.77 -22.46
CA LYS D 216 -26.90 10.49 -22.02
C LYS D 216 -28.01 9.48 -21.68
N ASN D 217 -27.64 8.41 -20.94
CA ASN D 217 -28.56 7.34 -20.56
C ASN D 217 -28.58 7.08 -19.05
N VAL D 218 -29.42 7.83 -18.33
CA VAL D 218 -29.55 7.71 -16.87
C VAL D 218 -30.09 6.33 -16.48
N LYS D 219 -31.05 5.80 -17.24
CA LYS D 219 -31.65 4.50 -16.98
C LYS D 219 -30.59 3.40 -16.99
N LYS D 220 -29.74 3.39 -18.01
CA LYS D 220 -28.68 2.39 -18.13
C LYS D 220 -27.69 2.53 -17.00
N PHE D 221 -27.35 3.78 -16.62
CA PHE D 221 -26.44 4.08 -15.52
C PHE D 221 -26.98 3.46 -14.24
N LEU D 222 -28.26 3.70 -13.92
CA LEU D 222 -28.87 3.14 -12.72
C LEU D 222 -28.85 1.61 -12.73
N THR D 223 -29.05 1.00 -13.90
CA THR D 223 -29.02 -0.47 -14.05
C THR D 223 -27.60 -0.97 -13.77
N GLU D 224 -26.58 -0.26 -14.26
CA GLU D 224 -25.16 -0.63 -14.05
C GLU D 224 -24.77 -0.61 -12.57
N LEU D 225 -25.43 0.22 -11.73
CA LEU D 225 -25.14 0.28 -10.29
C LEU D 225 -25.71 -0.98 -9.55
N ASN D 226 -26.61 -1.76 -10.17
CA ASN D 226 -27.18 -2.98 -9.53
C ASN D 226 -26.20 -4.13 -9.38
N MET D 227 -25.01 -4.02 -9.94
CA MET D 227 -24.00 -5.05 -9.89
C MET D 227 -23.36 -5.12 -8.51
N SER D 228 -22.93 -6.33 -8.11
CA SER D 228 -22.22 -6.58 -6.86
C SER D 228 -20.94 -5.71 -6.99
N ALA D 229 -20.53 -5.06 -5.92
CA ALA D 229 -19.34 -4.23 -5.94
C ALA D 229 -18.08 -5.03 -6.21
N ILE D 230 -17.98 -6.24 -5.63
CA ILE D 230 -16.80 -7.07 -5.81
C ILE D 230 -17.12 -8.53 -6.06
N THR D 231 -16.26 -9.18 -6.87
CA THR D 231 -16.37 -10.60 -7.18
C THR D 231 -15.03 -11.19 -6.72
N VAL D 232 -15.07 -12.26 -5.95
CA VAL D 232 -13.86 -12.88 -5.43
C VAL D 232 -13.76 -14.33 -5.82
N SER D 233 -12.54 -14.76 -6.13
CA SER D 233 -12.23 -16.15 -6.48
C SER D 233 -11.38 -16.65 -5.27
N SER D 234 -11.79 -17.73 -4.60
CA SER D 234 -11.04 -18.22 -3.45
C SER D 234 -11.20 -19.73 -3.22
N ILE D 235 -10.34 -20.34 -2.42
CA ILE D 235 -10.44 -21.76 -2.12
C ILE D 235 -11.46 -21.96 -0.98
N ASP D 236 -11.44 -21.06 0.02
CA ASP D 236 -12.31 -21.12 1.19
C ASP D 236 -13.36 -20.03 1.19
N HIS D 237 -14.35 -20.15 2.10
CA HIS D 237 -15.44 -19.18 2.21
C HIS D 237 -14.91 -17.86 2.72
N VAL D 238 -15.33 -16.78 2.10
CA VAL D 238 -14.90 -15.41 2.45
C VAL D 238 -16.10 -14.43 2.45
N GLU D 239 -17.35 -14.94 2.39
CA GLU D 239 -18.58 -14.10 2.35
C GLU D 239 -18.69 -13.08 3.47
N TYR D 240 -18.39 -13.48 4.69
CA TYR D 240 -18.49 -12.58 5.83
C TYR D 240 -17.37 -11.56 5.85
N GLU D 241 -16.12 -11.98 5.55
CA GLU D 241 -14.99 -11.04 5.53
C GLU D 241 -15.22 -10.03 4.40
N LEU D 242 -15.66 -10.52 3.23
CA LEU D 242 -15.95 -9.69 2.07
C LEU D 242 -16.88 -8.52 2.47
N GLU D 243 -18.04 -8.84 3.08
CA GLU D 243 -19.00 -7.84 3.53
C GLU D 243 -18.45 -6.91 4.62
N GLU D 244 -17.67 -7.46 5.59
CA GLU D 244 -17.08 -6.67 6.69
C GLU D 244 -16.07 -5.63 6.21
N ILE D 245 -15.21 -6.00 5.24
CA ILE D 245 -14.20 -5.09 4.68
C ILE D 245 -14.93 -3.98 3.92
N LEU D 246 -15.94 -4.33 3.09
CA LEU D 246 -16.69 -3.31 2.33
C LEU D 246 -17.39 -2.33 3.24
N SER D 247 -18.09 -2.86 4.28
CA SER D 247 -18.81 -2.05 5.29
C SER D 247 -17.84 -1.13 6.00
N LYS D 248 -16.68 -1.65 6.39
CA LYS D 248 -15.64 -0.89 7.07
C LYS D 248 -15.20 0.29 6.17
N ASN D 249 -14.96 0.03 4.88
CA ASN D 249 -14.55 1.12 3.98
C ASN D 249 -15.66 2.12 3.73
N ILE D 250 -16.92 1.68 3.71
CA ILE D 250 -18.06 2.61 3.51
C ILE D 250 -18.14 3.52 4.75
N SER D 251 -18.01 2.93 5.94
CA SER D 251 -18.07 3.65 7.23
C SER D 251 -17.01 4.74 7.39
N ARG D 252 -15.87 4.66 6.67
CA ARG D 252 -14.82 5.69 6.74
C ARG D 252 -15.28 7.03 6.15
N VAL D 253 -16.32 7.06 5.30
CA VAL D 253 -16.83 8.30 4.69
C VAL D 253 -17.39 9.20 5.75
N ASP D 254 -16.89 10.42 5.81
CA ASP D 254 -17.33 11.42 6.76
C ASP D 254 -17.68 12.65 5.97
N SER D 255 -18.91 13.11 6.10
CA SER D 255 -19.37 14.29 5.40
C SER D 255 -19.85 15.29 6.41
N PHE D 256 -19.54 16.55 6.21
CA PHE D 256 -19.95 17.61 7.13
C PHE D 256 -19.90 18.95 6.43
N VAL D 257 -20.69 19.91 6.93
CA VAL D 257 -20.71 21.26 6.38
C VAL D 257 -19.91 22.12 7.38
N LYS D 258 -18.85 22.76 6.90
CA LYS D 258 -18.04 23.62 7.74
C LYS D 258 -18.63 25.02 7.59
N GLU D 259 -19.05 25.64 8.70
CA GLU D 259 -19.61 26.99 8.65
C GLU D 259 -18.50 28.00 8.40
N PHE D 260 -18.72 28.93 7.47
CA PHE D 260 -17.75 29.98 7.14
C PHE D 260 -18.26 31.24 7.82
N ASP D 261 -17.55 31.70 8.85
CA ASP D 261 -17.93 32.90 9.60
C ASP D 261 -17.62 34.22 8.87
N LYS D 262 -18.60 35.15 8.91
CA LYS D 262 -18.50 36.48 8.33
C LYS D 262 -18.25 36.41 6.83
#